data_8STD
#
_entry.id   8STD
#
_cell.length_a   118.839
_cell.length_b   118.839
_cell.length_c   211.289
_cell.angle_alpha   90.00
_cell.angle_beta   90.00
_cell.angle_gamma   90.00
#
_symmetry.space_group_name_H-M   'P 4 21 2'
#
loop_
_entity.id
_entity.type
_entity.pdbx_description
1 polymer 'Pyridinium-3,5-biscarboxylic acid mononucleotide synthase'
2 non-polymer 'MAGNESIUM ION'
3 non-polymer 'NICOTINIC ACID ADENINE DINUCLEOTIDE'
#
_entity_poly.entity_id   1
_entity_poly.type   'polypeptide(L)'
_entity_poly.pdbx_seq_one_letter_code
;MATTAEILQQVAAGQLSPTAAAQQLEAGKTAALGFANVDLDRQRRNGFPEVIYGAGKTATQIVGIVQALSQQTLPILTTR
LSAEKFAALQPALPTAVYHATAQCMTVGEQPAPKTPGYIAVVTAGTADQPVAEEAAVTAETFGNRVERVYDVGVAGIHRL
FAKLDVIRGARVVIVIAGMEGALASVVGGLVDKPVIAVPTSVGYGTSFQGMTALLTMLNSCASGITVVNIDNGFGAAYSA
SMVNQMASWSHPQFEK
;
_entity_poly.pdbx_strand_id   A,B,C,D,E,F
#
# COMPACT_ATOMS: atom_id res chain seq x y z
N ARG A 44 14.81 15.19 -40.25
CA ARG A 44 15.38 15.94 -39.13
C ARG A 44 16.49 15.12 -38.46
N ARG A 45 16.46 15.10 -37.12
CA ARG A 45 17.36 14.22 -36.38
C ARG A 45 16.99 12.76 -36.55
N ASN A 46 15.74 12.48 -36.96
CA ASN A 46 15.30 11.13 -37.27
C ASN A 46 15.54 10.83 -38.74
N GLY A 47 15.90 9.59 -39.02
CA GLY A 47 16.19 9.15 -40.37
C GLY A 47 15.01 9.00 -41.30
N PHE A 48 13.79 9.37 -40.87
CA PHE A 48 12.63 9.09 -41.69
C PHE A 48 12.67 9.88 -42.99
N PRO A 49 12.36 9.25 -44.12
CA PRO A 49 12.33 9.96 -45.40
C PRO A 49 11.14 10.90 -45.52
N GLU A 50 11.23 11.79 -46.50
CA GLU A 50 10.11 12.66 -46.84
C GLU A 50 9.05 11.87 -47.58
N VAL A 51 7.78 12.13 -47.28
CA VAL A 51 6.67 11.36 -47.84
C VAL A 51 5.73 12.33 -48.54
N ILE A 52 5.47 12.07 -49.82
CA ILE A 52 4.52 12.85 -50.61
C ILE A 52 3.23 12.04 -50.77
N TYR A 53 2.10 12.67 -50.45
CA TYR A 53 0.78 12.09 -50.67
C TYR A 53 0.34 12.48 -52.08
N GLY A 54 0.73 11.68 -53.07
CA GLY A 54 0.51 12.07 -54.45
C GLY A 54 -0.91 11.92 -54.94
N ALA A 55 -1.86 11.81 -54.01
CA ALA A 55 -3.26 11.70 -54.39
C ALA A 55 -3.88 13.07 -54.64
N GLY A 56 -3.76 13.97 -53.67
CA GLY A 56 -4.30 15.31 -53.84
C GLY A 56 -3.42 16.27 -54.60
N LYS A 57 -2.32 15.79 -55.19
CA LYS A 57 -1.40 16.61 -55.95
C LYS A 57 -1.37 16.11 -57.39
N THR A 58 -1.17 17.03 -58.32
CA THR A 58 -1.08 16.65 -59.72
C THR A 58 0.37 16.30 -60.07
N ALA A 59 0.54 15.64 -61.22
CA ALA A 59 1.87 15.18 -61.62
C ALA A 59 2.86 16.34 -61.73
N THR A 60 2.38 17.54 -62.05
CA THR A 60 3.26 18.71 -62.11
C THR A 60 3.57 19.23 -60.71
N GLN A 61 2.57 19.27 -59.83
CA GLN A 61 2.80 19.68 -58.45
C GLN A 61 3.83 18.77 -57.79
N ILE A 62 3.77 17.48 -58.09
CA ILE A 62 4.68 16.51 -57.48
C ILE A 62 6.12 16.78 -57.95
N VAL A 63 6.30 17.09 -59.24
CA VAL A 63 7.65 17.39 -59.72
C VAL A 63 8.19 18.63 -59.03
N GLY A 64 7.32 19.59 -58.71
CA GLY A 64 7.78 20.75 -57.96
C GLY A 64 8.10 20.41 -56.52
N ILE A 65 7.30 19.55 -55.89
CA ILE A 65 7.57 19.14 -54.52
C ILE A 65 8.82 18.26 -54.48
N VAL A 66 9.00 17.40 -55.48
CA VAL A 66 10.17 16.52 -55.50
C VAL A 66 11.43 17.31 -55.76
N GLN A 67 11.40 18.20 -56.75
CA GLN A 67 12.61 18.96 -57.09
C GLN A 67 13.03 19.89 -55.95
N ALA A 68 12.07 20.37 -55.16
CA ALA A 68 12.42 21.23 -54.04
C ALA A 68 13.08 20.44 -52.92
N LEU A 69 12.65 19.20 -52.69
CA LEU A 69 13.23 18.39 -51.64
C LEU A 69 14.35 17.48 -52.14
N SER A 70 14.69 17.55 -53.42
CA SER A 70 15.80 16.76 -53.94
C SER A 70 17.16 17.36 -53.60
N GLN A 71 17.19 18.54 -52.98
CA GLN A 71 18.41 19.16 -52.51
C GLN A 71 18.60 18.99 -51.00
N GLN A 72 17.65 18.32 -50.33
CA GLN A 72 17.77 18.03 -48.91
C GLN A 72 18.55 16.74 -48.73
N THR A 73 18.04 15.84 -47.89
CA THR A 73 18.70 14.57 -47.66
C THR A 73 17.70 13.42 -47.71
N LEU A 74 18.18 12.22 -47.41
CA LEU A 74 17.41 10.98 -47.33
C LEU A 74 16.81 10.60 -48.68
N PRO A 75 15.92 9.62 -48.73
CA PRO A 75 15.14 9.34 -49.95
C PRO A 75 13.77 10.03 -49.92
N ILE A 76 13.14 10.05 -51.09
CA ILE A 76 11.81 10.61 -51.26
C ILE A 76 10.86 9.48 -51.64
N LEU A 77 9.81 9.32 -50.85
CA LEU A 77 8.77 8.33 -51.08
C LEU A 77 7.48 9.04 -51.43
N THR A 78 6.81 8.59 -52.49
CA THR A 78 5.54 9.16 -52.91
C THR A 78 4.52 8.04 -53.03
N THR A 79 3.44 8.13 -52.25
CA THR A 79 2.42 7.10 -52.21
C THR A 79 1.20 7.52 -53.02
N ARG A 80 0.41 6.51 -53.42
CA ARG A 80 -0.84 6.70 -54.15
C ARG A 80 -0.60 7.56 -55.38
N LEU A 81 0.34 7.12 -56.20
CA LEU A 81 0.79 7.85 -57.38
C LEU A 81 0.36 7.01 -58.58
N SER A 82 -0.60 7.51 -59.35
CA SER A 82 -1.17 6.75 -60.45
C SER A 82 -0.11 6.45 -61.52
N ALA A 83 -0.38 5.40 -62.29
CA ALA A 83 0.53 5.02 -63.36
C ALA A 83 0.62 6.08 -64.45
N GLU A 84 -0.48 6.79 -64.71
CA GLU A 84 -0.43 7.88 -65.67
C GLU A 84 0.38 9.05 -65.13
N LYS A 85 0.37 9.25 -63.80
CA LYS A 85 1.13 10.34 -63.21
C LYS A 85 2.63 10.11 -63.29
N PHE A 86 3.08 8.85 -63.17
CA PHE A 86 4.51 8.58 -63.29
C PHE A 86 4.99 8.78 -64.72
N ALA A 87 4.11 8.59 -65.70
CA ALA A 87 4.48 8.88 -67.08
C ALA A 87 4.84 10.35 -67.25
N ALA A 88 4.05 11.24 -66.64
CA ALA A 88 4.35 12.67 -66.65
C ALA A 88 5.59 12.98 -65.81
N LEU A 89 6.01 12.05 -64.97
CA LEU A 89 7.14 12.23 -64.06
C LEU A 89 8.45 11.72 -64.64
N GLN A 90 8.38 10.71 -65.51
CA GLN A 90 9.60 10.07 -66.00
C GLN A 90 10.56 11.03 -66.72
N PRO A 91 10.11 11.96 -67.58
CA PRO A 91 11.07 12.92 -68.14
C PRO A 91 11.64 13.86 -67.10
N ALA A 92 10.79 14.44 -66.26
CA ALA A 92 11.25 15.41 -65.27
C ALA A 92 12.10 14.75 -64.19
N LEU A 93 11.66 13.59 -63.69
CA LEU A 93 12.44 12.87 -62.69
C LEU A 93 12.98 11.59 -63.28
N PRO A 94 14.13 11.63 -63.96
CA PRO A 94 14.64 10.43 -64.64
C PRO A 94 15.26 9.41 -63.70
N THR A 95 15.51 9.78 -62.45
CA THR A 95 16.06 8.86 -61.46
C THR A 95 14.98 8.20 -60.62
N ALA A 96 13.71 8.43 -60.92
CA ALA A 96 12.64 7.91 -60.10
C ALA A 96 12.34 6.47 -60.48
N VAL A 97 12.01 5.67 -59.47
CA VAL A 97 11.65 4.26 -59.65
C VAL A 97 10.19 4.12 -59.27
N TYR A 98 9.40 3.51 -60.16
CA TYR A 98 7.98 3.32 -59.93
C TYR A 98 7.72 1.84 -59.66
N HIS A 99 6.97 1.57 -58.61
CA HIS A 99 6.57 0.22 -58.24
C HIS A 99 5.09 0.12 -58.60
N ALA A 100 4.82 -0.50 -59.76
CA ALA A 100 3.49 -0.47 -60.35
C ALA A 100 2.43 -0.97 -59.38
N THR A 101 2.67 -2.13 -58.77
CA THR A 101 1.67 -2.72 -57.89
C THR A 101 1.39 -1.85 -56.68
N ALA A 102 2.43 -1.25 -56.10
CA ALA A 102 2.27 -0.44 -54.90
C ALA A 102 1.75 0.97 -55.20
N GLN A 103 1.75 1.38 -56.47
CA GLN A 103 1.47 2.77 -56.85
C GLN A 103 2.32 3.72 -56.04
N CYS A 104 3.61 3.38 -55.93
CA CYS A 104 4.56 4.18 -55.18
C CYS A 104 5.74 4.55 -56.07
N MET A 105 6.38 5.66 -55.71
CA MET A 105 7.52 6.17 -56.46
C MET A 105 8.61 6.55 -55.46
N THR A 106 9.82 6.06 -55.70
CA THR A 106 10.95 6.35 -54.84
C THR A 106 12.05 7.01 -55.65
N VAL A 107 12.58 8.10 -55.13
CA VAL A 107 13.73 8.80 -55.70
C VAL A 107 14.78 8.82 -54.60
N GLY A 108 15.84 8.05 -54.79
CA GLY A 108 16.89 7.97 -53.80
C GLY A 108 17.29 6.53 -53.56
N GLU A 109 18.60 6.27 -53.48
CA GLU A 109 19.09 4.92 -53.25
C GLU A 109 18.42 4.32 -52.01
N GLN A 110 17.84 3.14 -52.18
CA GLN A 110 17.15 2.51 -51.07
C GLN A 110 18.15 2.22 -49.95
N PRO A 111 17.82 2.53 -48.70
CA PRO A 111 18.77 2.28 -47.62
C PRO A 111 18.98 0.79 -47.38
N ALA A 112 20.23 0.41 -47.17
CA ALA A 112 20.52 -0.94 -46.73
C ALA A 112 19.83 -1.17 -45.38
N PRO A 113 19.38 -2.40 -45.11
CA PRO A 113 18.69 -2.67 -43.84
C PRO A 113 19.51 -2.20 -42.64
N LYS A 114 18.82 -1.58 -41.68
CA LYS A 114 19.47 -0.88 -40.58
C LYS A 114 19.23 -1.52 -39.21
N THR A 115 18.50 -2.62 -39.14
CA THR A 115 18.15 -3.23 -37.86
C THR A 115 18.30 -4.74 -37.96
N PRO A 116 18.75 -5.40 -36.89
CA PRO A 116 18.94 -6.85 -36.94
C PRO A 116 17.65 -7.66 -36.90
N GLY A 117 16.65 -7.27 -37.69
CA GLY A 117 15.41 -8.02 -37.75
C GLY A 117 14.67 -7.71 -39.03
N TYR A 118 13.51 -8.37 -39.20
CA TYR A 118 12.71 -8.17 -40.39
C TYR A 118 11.24 -8.05 -40.02
N ILE A 119 10.51 -7.33 -40.87
CA ILE A 119 9.07 -7.16 -40.76
C ILE A 119 8.40 -8.13 -41.72
N ALA A 120 7.37 -8.81 -41.26
CA ALA A 120 6.59 -9.71 -42.10
C ALA A 120 5.36 -8.96 -42.62
N VAL A 121 5.18 -8.95 -43.93
CA VAL A 121 3.99 -8.39 -44.54
C VAL A 121 3.15 -9.55 -45.03
N VAL A 122 2.07 -9.83 -44.32
CA VAL A 122 1.25 -11.02 -44.54
C VAL A 122 -0.06 -10.59 -45.17
N THR A 123 -0.44 -11.27 -46.25
CA THR A 123 -1.61 -10.90 -47.03
C THR A 123 -2.57 -12.08 -47.13
N ALA A 124 -3.86 -11.77 -47.18
CA ALA A 124 -4.85 -12.83 -47.25
C ALA A 124 -5.12 -13.30 -48.68
N GLY A 125 -5.11 -12.37 -49.64
CA GLY A 125 -5.39 -12.72 -51.01
C GLY A 125 -4.65 -11.82 -51.97
N THR A 126 -4.63 -12.23 -53.24
CA THR A 126 -3.90 -11.49 -54.26
C THR A 126 -4.47 -10.08 -54.45
N ALA A 127 -5.76 -9.89 -54.19
CA ALA A 127 -6.33 -8.56 -54.33
C ALA A 127 -5.77 -7.57 -53.33
N ASP A 128 -5.19 -8.06 -52.23
CA ASP A 128 -4.57 -7.20 -51.22
C ASP A 128 -3.16 -6.77 -51.61
N GLN A 129 -2.63 -7.30 -52.72
CA GLN A 129 -1.24 -7.04 -53.07
C GLN A 129 -0.91 -5.57 -53.28
N PRO A 130 -1.76 -4.74 -53.92
CA PRO A 130 -1.39 -3.31 -54.06
C PRO A 130 -1.07 -2.63 -52.74
N VAL A 131 -1.96 -2.72 -51.76
CA VAL A 131 -1.68 -2.07 -50.48
C VAL A 131 -0.57 -2.82 -49.75
N ALA A 132 -0.44 -4.14 -49.98
CA ALA A 132 0.66 -4.90 -49.40
C ALA A 132 2.00 -4.37 -49.89
N GLU A 133 2.12 -4.12 -51.19
CA GLU A 133 3.37 -3.60 -51.73
C GLU A 133 3.61 -2.15 -51.31
N GLU A 134 2.54 -1.38 -51.11
CA GLU A 134 2.69 -0.05 -50.55
C GLU A 134 3.35 -0.09 -49.18
N ALA A 135 2.94 -1.03 -48.33
CA ALA A 135 3.57 -1.18 -47.03
C ALA A 135 5.01 -1.68 -47.17
N ALA A 136 5.23 -2.66 -48.06
CA ALA A 136 6.56 -3.24 -48.22
C ALA A 136 7.55 -2.22 -48.77
N VAL A 137 7.13 -1.43 -49.76
CA VAL A 137 8.01 -0.40 -50.30
C VAL A 137 8.28 0.69 -49.25
N THR A 138 7.26 1.02 -48.45
CA THR A 138 7.46 1.97 -47.36
C THR A 138 8.46 1.45 -46.34
N ALA A 139 8.26 0.19 -45.91
CA ALA A 139 9.14 -0.37 -44.89
C ALA A 139 10.58 -0.47 -45.38
N GLU A 140 10.75 -0.81 -46.67
CA GLU A 140 12.10 -0.89 -47.23
C GLU A 140 12.70 0.49 -47.43
N THR A 141 11.87 1.47 -47.80
CA THR A 141 12.37 2.84 -47.92
C THR A 141 12.80 3.38 -46.55
N PHE A 142 12.17 2.91 -45.47
CA PHE A 142 12.55 3.31 -44.13
C PHE A 142 13.73 2.52 -43.57
N GLY A 143 14.28 1.58 -44.34
CA GLY A 143 15.44 0.85 -43.90
C GLY A 143 15.16 -0.45 -43.17
N ASN A 144 14.11 -1.16 -43.55
CA ASN A 144 13.73 -2.40 -42.90
C ASN A 144 13.78 -3.57 -43.89
N ARG A 145 14.26 -4.71 -43.42
CA ARG A 145 14.08 -5.94 -44.17
C ARG A 145 12.62 -6.36 -44.13
N VAL A 146 12.11 -6.83 -45.27
CA VAL A 146 10.70 -7.18 -45.39
C VAL A 146 10.60 -8.60 -45.92
N GLU A 147 9.82 -9.43 -45.23
CA GLU A 147 9.52 -10.77 -45.69
C GLU A 147 8.05 -10.82 -46.09
N ARG A 148 7.79 -11.05 -47.37
CA ARG A 148 6.43 -11.10 -47.90
C ARG A 148 5.87 -12.51 -47.75
N VAL A 149 4.74 -12.61 -47.06
CA VAL A 149 4.01 -13.87 -46.94
C VAL A 149 2.62 -13.61 -47.52
N TYR A 150 2.50 -13.80 -48.83
CA TYR A 150 1.32 -13.37 -49.55
C TYR A 150 0.36 -14.53 -49.80
N ASP A 151 -0.93 -14.20 -49.81
CA ASP A 151 -2.00 -15.11 -50.23
C ASP A 151 -2.07 -16.34 -49.30
N VAL A 152 -2.31 -16.06 -48.03
CA VAL A 152 -2.43 -17.11 -47.02
C VAL A 152 -3.73 -16.92 -46.24
N GLY A 153 -4.81 -16.59 -46.94
CA GLY A 153 -6.08 -16.37 -46.28
C GLY A 153 -6.63 -17.65 -45.67
N VAL A 154 -7.62 -17.48 -44.78
CA VAL A 154 -8.17 -18.60 -44.03
C VAL A 154 -9.04 -19.50 -44.87
N ALA A 155 -9.35 -19.12 -46.12
CA ALA A 155 -10.04 -20.03 -47.02
C ALA A 155 -9.21 -21.29 -47.25
N GLY A 156 -7.89 -21.12 -47.37
CA GLY A 156 -6.97 -22.23 -47.35
C GLY A 156 -5.93 -22.01 -46.27
N ILE A 157 -6.28 -22.30 -45.02
CA ILE A 157 -5.43 -21.92 -43.90
C ILE A 157 -4.13 -22.73 -43.85
N HIS A 158 -4.05 -23.85 -44.55
CA HIS A 158 -2.82 -24.64 -44.55
C HIS A 158 -1.64 -23.84 -45.09
N ARG A 159 -1.90 -22.94 -46.05
CA ARG A 159 -0.85 -22.09 -46.58
C ARG A 159 -0.27 -21.19 -45.51
N LEU A 160 -1.07 -20.81 -44.52
CA LEU A 160 -0.58 -19.94 -43.46
C LEU A 160 0.41 -20.67 -42.56
N PHE A 161 0.07 -21.91 -42.16
CA PHE A 161 0.96 -22.65 -41.28
C PHE A 161 2.24 -23.07 -41.97
N ALA A 162 2.21 -23.22 -43.30
CA ALA A 162 3.42 -23.54 -44.04
C ALA A 162 4.44 -22.41 -43.93
N LYS A 163 3.96 -21.17 -43.82
CA LYS A 163 4.83 -20.00 -43.68
C LYS A 163 4.78 -19.42 -42.28
N LEU A 164 4.30 -20.18 -41.30
CA LEU A 164 4.20 -19.68 -39.92
C LEU A 164 5.59 -19.46 -39.32
N ASP A 165 6.57 -20.27 -39.69
CA ASP A 165 7.92 -20.07 -39.20
C ASP A 165 8.45 -18.69 -39.60
N VAL A 166 8.18 -18.28 -40.84
CA VAL A 166 8.63 -16.98 -41.32
C VAL A 166 7.93 -15.86 -40.58
N ILE A 167 6.62 -15.99 -40.35
CA ILE A 167 5.87 -14.93 -39.68
C ILE A 167 6.30 -14.80 -38.23
N ARG A 168 6.46 -15.93 -37.54
CA ARG A 168 6.85 -15.88 -36.15
C ARG A 168 8.26 -15.36 -35.95
N GLY A 169 9.13 -15.48 -36.95
CA GLY A 169 10.48 -14.96 -36.82
C GLY A 169 10.61 -13.46 -36.98
N ALA A 170 9.59 -12.80 -37.52
CA ALA A 170 9.64 -11.35 -37.70
C ALA A 170 9.53 -10.64 -36.36
N ARG A 171 10.02 -9.40 -36.31
CA ARG A 171 9.87 -8.60 -35.10
C ARG A 171 8.51 -7.93 -35.03
N VAL A 172 7.94 -7.58 -36.18
CA VAL A 172 6.60 -7.02 -36.28
C VAL A 172 5.93 -7.67 -37.48
N VAL A 173 4.62 -7.92 -37.37
CA VAL A 173 3.85 -8.51 -38.46
C VAL A 173 2.81 -7.51 -38.92
N ILE A 174 2.77 -7.25 -40.22
CA ILE A 174 1.71 -6.46 -40.83
C ILE A 174 0.77 -7.43 -41.54
N VAL A 175 -0.48 -7.51 -41.09
CA VAL A 175 -1.47 -8.39 -41.67
C VAL A 175 -2.42 -7.55 -42.51
N ILE A 176 -2.60 -7.95 -43.76
CA ILE A 176 -3.35 -7.17 -44.73
C ILE A 176 -4.43 -8.07 -45.32
N ALA A 177 -5.68 -7.64 -45.22
CA ALA A 177 -6.80 -8.48 -45.62
C ALA A 177 -8.02 -7.62 -45.87
N GLY A 178 -8.88 -8.10 -46.77
CA GLY A 178 -10.15 -7.45 -47.03
C GLY A 178 -11.31 -8.39 -46.78
N MET A 179 -12.51 -8.00 -47.21
CA MET A 179 -13.71 -8.78 -46.96
C MET A 179 -13.86 -9.16 -45.49
N GLU A 180 -13.78 -10.44 -45.16
CA GLU A 180 -13.97 -10.83 -43.77
C GLU A 180 -12.78 -10.48 -42.87
N GLY A 181 -11.68 -9.97 -43.41
CA GLY A 181 -10.46 -9.70 -42.66
C GLY A 181 -10.17 -10.59 -41.46
N ALA A 182 -10.63 -11.84 -41.51
CA ALA A 182 -10.47 -12.77 -40.40
C ALA A 182 -9.02 -13.18 -40.17
N LEU A 183 -8.16 -13.03 -41.17
CA LEU A 183 -6.78 -13.50 -41.06
C LEU A 183 -6.05 -12.79 -39.92
N ALA A 184 -6.37 -11.52 -39.67
CA ALA A 184 -5.71 -10.80 -38.59
C ALA A 184 -5.92 -11.48 -37.26
N SER A 185 -7.17 -11.89 -36.97
CA SER A 185 -7.46 -12.56 -35.71
C SER A 185 -6.68 -13.87 -35.59
N VAL A 186 -6.60 -14.62 -36.69
CA VAL A 186 -5.91 -15.90 -36.66
C VAL A 186 -4.41 -15.68 -36.46
N VAL A 187 -3.84 -14.70 -37.15
CA VAL A 187 -2.42 -14.42 -36.97
C VAL A 187 -2.14 -13.92 -35.56
N GLY A 188 -2.99 -13.01 -35.05
CA GLY A 188 -2.75 -12.44 -33.73
C GLY A 188 -2.70 -13.48 -32.64
N GLY A 189 -3.54 -14.51 -32.72
CA GLY A 189 -3.50 -15.56 -31.73
C GLY A 189 -2.36 -16.53 -31.87
N LEU A 190 -1.63 -16.47 -32.98
CA LEU A 190 -0.58 -17.44 -33.26
C LEU A 190 0.82 -16.88 -33.08
N VAL A 191 0.99 -15.57 -33.01
CA VAL A 191 2.30 -14.94 -32.89
C VAL A 191 2.33 -14.07 -31.63
N ASP A 192 3.48 -14.07 -30.96
CA ASP A 192 3.72 -13.23 -29.78
C ASP A 192 4.56 -12.01 -30.13
N LYS A 193 4.24 -11.36 -31.24
CA LYS A 193 4.92 -10.17 -31.71
C LYS A 193 3.87 -9.12 -32.04
N PRO A 194 4.25 -7.84 -32.05
CA PRO A 194 3.28 -6.80 -32.40
C PRO A 194 2.74 -7.03 -33.80
N VAL A 195 1.42 -7.00 -33.91
CA VAL A 195 0.73 -7.17 -35.19
C VAL A 195 -0.01 -5.88 -35.50
N ILE A 196 0.16 -5.40 -36.72
CA ILE A 196 -0.56 -4.22 -37.20
C ILE A 196 -1.44 -4.68 -38.36
N ALA A 197 -2.75 -4.52 -38.20
CA ALA A 197 -3.73 -4.98 -39.18
C ALA A 197 -4.11 -3.83 -40.09
N VAL A 198 -4.13 -4.11 -41.40
CA VAL A 198 -4.52 -3.15 -42.44
C VAL A 198 -5.78 -3.67 -43.12
N PRO A 199 -6.93 -3.03 -42.93
CA PRO A 199 -8.12 -3.42 -43.71
C PRO A 199 -8.02 -2.84 -45.11
N THR A 200 -8.41 -3.64 -46.10
CA THR A 200 -8.41 -3.16 -47.47
C THR A 200 -9.84 -3.00 -47.97
N SER A 201 -9.99 -2.21 -49.04
CA SER A 201 -11.30 -1.92 -49.60
C SER A 201 -11.68 -2.90 -50.69
N VAL A 202 -10.95 -4.01 -50.79
CA VAL A 202 -11.25 -5.03 -51.80
C VAL A 202 -12.56 -5.71 -51.46
N GLY A 203 -13.34 -6.02 -52.49
CA GLY A 203 -14.59 -6.73 -52.32
C GLY A 203 -15.79 -5.90 -52.73
N TYR A 204 -16.92 -6.59 -52.77
CA TYR A 204 -18.20 -6.06 -53.19
C TYR A 204 -19.22 -6.25 -52.07
N GLY A 205 -20.45 -5.78 -52.31
CA GLY A 205 -21.54 -6.05 -51.39
C GLY A 205 -21.29 -5.48 -50.02
N THR A 206 -21.51 -6.30 -49.01
CA THR A 206 -21.40 -6.00 -47.58
C THR A 206 -19.96 -5.87 -47.11
N SER A 207 -18.98 -5.90 -48.01
CA SER A 207 -17.63 -5.54 -47.60
C SER A 207 -17.53 -4.06 -47.28
N PHE A 208 -18.35 -3.23 -47.94
CA PHE A 208 -18.49 -1.80 -47.63
C PHE A 208 -17.15 -1.06 -47.73
N GLN A 209 -16.42 -1.34 -48.81
CA GLN A 209 -15.18 -0.65 -49.13
C GLN A 209 -14.20 -0.70 -47.97
N GLY A 210 -14.18 -1.84 -47.28
CA GLY A 210 -13.23 -2.08 -46.21
C GLY A 210 -13.78 -1.92 -44.80
N MET A 211 -15.01 -1.43 -44.64
CA MET A 211 -15.51 -1.19 -43.30
C MET A 211 -15.67 -2.48 -42.51
N THR A 212 -16.14 -3.55 -43.14
CA THR A 212 -16.31 -4.81 -42.43
C THR A 212 -14.96 -5.37 -41.99
N ALA A 213 -13.98 -5.36 -42.89
CA ALA A 213 -12.64 -5.80 -42.50
C ALA A 213 -12.11 -4.97 -41.34
N LEU A 214 -12.37 -3.66 -41.37
CA LEU A 214 -11.91 -2.79 -40.29
C LEU A 214 -12.56 -3.15 -38.96
N LEU A 215 -13.89 -3.34 -38.98
CA LEU A 215 -14.59 -3.66 -37.74
C LEU A 215 -14.18 -5.03 -37.21
N THR A 216 -13.99 -6.00 -38.10
CA THR A 216 -13.55 -7.33 -37.68
C THR A 216 -12.19 -7.27 -37.00
N MET A 217 -11.24 -6.57 -37.60
CA MET A 217 -9.91 -6.52 -37.02
C MET A 217 -9.91 -5.77 -35.70
N LEU A 218 -10.67 -4.67 -35.61
CA LEU A 218 -10.74 -3.93 -34.35
C LEU A 218 -11.36 -4.77 -33.24
N ASN A 219 -12.21 -5.73 -33.59
CA ASN A 219 -12.86 -6.57 -32.59
C ASN A 219 -12.04 -7.79 -32.21
N SER A 220 -10.82 -7.92 -32.71
N SER A 220 -10.79 -7.85 -32.63
CA SER A 220 -10.09 -9.17 -32.53
CA SER A 220 -9.81 -8.81 -32.16
C SER A 220 -9.88 -9.48 -31.05
C SER A 220 -8.51 -8.10 -31.78
N CYS A 221 -10.62 -10.46 -30.53
N CYS A 221 -8.62 -6.93 -31.13
CA CYS A 221 -10.44 -10.90 -29.15
CA CYS A 221 -7.43 -6.20 -30.72
C CYS A 221 -9.03 -11.41 -28.90
C CYS A 221 -6.80 -6.75 -29.46
N ALA A 222 -8.34 -11.84 -29.94
N ALA A 222 -7.53 -7.56 -28.69
CA ALA A 222 -6.92 -12.21 -29.85
CA ALA A 222 -6.87 -8.41 -27.72
C ALA A 222 -6.11 -10.93 -29.67
C ALA A 222 -5.97 -9.41 -28.47
N SER A 223 -5.56 -10.74 -28.47
N SER A 223 -5.06 -10.04 -27.72
CA SER A 223 -4.85 -9.52 -28.13
CA SER A 223 -4.06 -10.95 -28.26
C SER A 223 -3.62 -9.34 -29.02
C SER A 223 -3.02 -10.24 -29.14
N GLY A 224 -2.96 -8.20 -28.84
N GLY A 224 -2.94 -8.91 -29.06
CA GLY A 224 -1.71 -7.94 -29.54
CA GLY A 224 -1.81 -8.19 -29.61
C GLY A 224 -1.87 -7.46 -30.96
C GLY A 224 -1.95 -7.75 -31.04
N ILE A 225 -3.09 -7.15 -31.38
CA ILE A 225 -3.36 -6.62 -32.71
C ILE A 225 -3.68 -5.15 -32.59
N THR A 226 -3.15 -4.36 -33.52
CA THR A 226 -3.45 -2.94 -33.58
C THR A 226 -3.78 -2.60 -35.04
N VAL A 227 -4.62 -1.59 -35.22
CA VAL A 227 -5.29 -1.37 -36.51
C VAL A 227 -5.03 0.04 -37.05
N VAL A 228 -4.95 0.13 -38.38
CA VAL A 228 -4.85 1.39 -39.10
C VAL A 228 -6.08 1.55 -39.99
N ASN A 229 -6.17 2.72 -40.62
CA ASN A 229 -7.29 3.05 -41.51
CA ASN A 229 -7.31 3.02 -41.48
C ASN A 229 -7.27 2.18 -42.77
N ILE A 230 -8.44 2.07 -43.40
CA ILE A 230 -8.61 1.25 -44.59
C ILE A 230 -7.59 1.63 -45.66
N ASP A 231 -6.95 0.62 -46.23
CA ASP A 231 -6.00 0.71 -47.34
C ASP A 231 -4.69 1.42 -46.96
N ASN A 232 -4.49 1.76 -45.70
CA ASN A 232 -3.33 2.56 -45.30
C ASN A 232 -2.13 1.67 -44.99
N GLY A 233 -1.61 1.03 -46.03
CA GLY A 233 -0.42 0.22 -45.87
C GLY A 233 0.80 1.04 -45.46
N PHE A 234 0.90 2.28 -45.94
CA PHE A 234 1.99 3.16 -45.54
C PHE A 234 1.99 3.39 -44.03
N GLY A 235 0.85 3.81 -43.49
CA GLY A 235 0.78 4.12 -42.07
C GLY A 235 1.17 2.94 -41.19
N ALA A 236 0.77 1.73 -41.59
CA ALA A 236 1.15 0.53 -40.84
C ALA A 236 2.64 0.29 -40.91
N ALA A 237 3.24 0.45 -42.10
CA ALA A 237 4.68 0.29 -42.23
C ALA A 237 5.44 1.39 -41.50
N TYR A 238 4.87 2.60 -41.44
CA TYR A 238 5.48 3.65 -40.64
C TYR A 238 5.60 3.21 -39.18
N SER A 239 4.49 2.73 -38.60
CA SER A 239 4.53 2.26 -37.22
C SER A 239 5.42 1.02 -37.09
N ALA A 240 5.33 0.10 -38.04
CA ALA A 240 6.16 -1.10 -37.99
C ALA A 240 7.64 -0.75 -37.99
N SER A 241 8.03 0.23 -38.82
CA SER A 241 9.43 0.65 -38.89
C SER A 241 9.91 1.14 -37.53
N MET A 242 9.09 1.95 -36.85
CA MET A 242 9.46 2.44 -35.53
C MET A 242 9.60 1.29 -34.54
N VAL A 243 8.69 0.32 -34.57
CA VAL A 243 8.82 -0.83 -33.69
C VAL A 243 10.05 -1.64 -34.07
N ASN A 244 10.26 -1.85 -35.37
CA ASN A 244 11.37 -2.68 -35.82
C ASN A 244 12.72 -2.04 -35.54
N GLN A 245 12.76 -0.70 -35.46
CA GLN A 245 14.01 0.04 -35.34
C GLN A 245 14.28 0.48 -33.90
N MET A 246 13.86 -0.33 -32.93
CA MET A 246 14.11 -0.03 -31.52
C MET A 246 15.27 -0.86 -30.99
N ARG B 44 2.31 -19.64 -21.76
CA ARG B 44 3.67 -19.59 -21.24
C ARG B 44 4.67 -19.34 -22.37
N ARG B 45 5.95 -19.49 -22.04
CA ARG B 45 7.03 -19.42 -23.02
C ARG B 45 7.22 -18.01 -23.55
N ASN B 46 6.30 -17.10 -23.21
CA ASN B 46 6.36 -15.71 -23.65
C ASN B 46 6.58 -14.70 -22.53
N GLY B 47 6.48 -15.10 -21.26
CA GLY B 47 6.69 -14.18 -20.17
C GLY B 47 5.46 -13.38 -19.78
N PHE B 48 4.30 -13.66 -20.37
CA PHE B 48 3.17 -12.78 -20.09
C PHE B 48 2.35 -13.35 -18.94
N PRO B 49 1.86 -12.49 -18.04
CA PRO B 49 1.00 -12.99 -16.97
C PRO B 49 -0.31 -13.46 -17.55
N GLU B 50 -1.02 -14.27 -16.78
CA GLU B 50 -2.32 -14.75 -17.22
C GLU B 50 -3.36 -13.65 -17.07
N VAL B 51 -4.27 -13.57 -18.04
CA VAL B 51 -5.28 -12.51 -18.10
C VAL B 51 -6.66 -13.15 -18.10
N ILE B 52 -7.49 -12.73 -17.15
CA ILE B 52 -8.89 -13.15 -17.08
C ILE B 52 -9.76 -11.98 -17.52
N TYR B 53 -10.66 -12.23 -18.47
CA TYR B 53 -11.65 -11.23 -18.87
C TYR B 53 -12.87 -11.40 -17.97
N GLY B 54 -12.83 -10.73 -16.82
CA GLY B 54 -13.82 -10.93 -15.77
C GLY B 54 -15.18 -10.28 -15.98
N ALA B 55 -15.52 -9.93 -17.23
CA ALA B 55 -16.80 -9.29 -17.47
C ALA B 55 -17.94 -10.30 -17.55
N GLY B 56 -17.78 -11.32 -18.41
CA GLY B 56 -18.79 -12.35 -18.55
C GLY B 56 -18.71 -13.46 -17.53
N LYS B 57 -17.90 -13.31 -16.49
CA LYS B 57 -17.73 -14.32 -15.46
C LYS B 57 -18.19 -13.79 -14.11
N THR B 58 -18.69 -14.69 -13.28
CA THR B 58 -19.16 -14.35 -11.94
C THR B 58 -18.01 -14.37 -10.95
N ALA B 59 -18.26 -13.76 -9.78
CA ALA B 59 -17.22 -13.66 -8.75
C ALA B 59 -16.70 -15.03 -8.35
N THR B 60 -17.53 -16.07 -8.46
CA THR B 60 -17.08 -17.42 -8.13
C THR B 60 -16.24 -18.01 -9.25
N GLN B 61 -16.67 -17.84 -10.51
CA GLN B 61 -15.90 -18.35 -11.64
C GLN B 61 -14.50 -17.77 -11.66
N ILE B 62 -14.36 -16.49 -11.33
CA ILE B 62 -13.05 -15.84 -11.34
C ILE B 62 -12.15 -16.45 -10.26
N VAL B 63 -12.72 -16.69 -9.07
CA VAL B 63 -11.94 -17.33 -8.00
C VAL B 63 -11.54 -18.73 -8.40
N GLY B 64 -12.37 -19.41 -9.19
CA GLY B 64 -12.01 -20.74 -9.66
C GLY B 64 -10.87 -20.71 -10.66
N ILE B 65 -10.85 -19.72 -11.55
CA ILE B 65 -9.78 -19.60 -12.51
C ILE B 65 -8.46 -19.27 -11.80
N VAL B 66 -8.53 -18.47 -10.73
CA VAL B 66 -7.32 -18.08 -10.02
C VAL B 66 -6.70 -19.28 -9.30
N GLN B 67 -7.53 -20.06 -8.59
CA GLN B 67 -7.00 -21.20 -7.86
C GLN B 67 -6.40 -22.25 -8.79
N ALA B 68 -6.95 -22.38 -10.00
CA ALA B 68 -6.39 -23.29 -10.99
C ALA B 68 -5.05 -22.76 -11.51
N LEU B 69 -4.92 -21.45 -11.56
CA LEU B 69 -3.74 -20.75 -12.05
C LEU B 69 -2.74 -20.46 -10.94
N SER B 70 -2.89 -21.08 -9.76
CA SER B 70 -1.89 -20.73 -8.75
C SER B 70 -0.51 -21.31 -9.04
N GLN B 71 -0.26 -21.88 -10.21
CA GLN B 71 1.10 -22.18 -10.65
C GLN B 71 1.57 -21.25 -11.76
N GLN B 72 0.71 -20.36 -12.24
CA GLN B 72 1.06 -19.41 -13.29
C GLN B 72 1.22 -18.01 -12.71
N LEU B 74 3.66 -16.42 -12.17
CA LEU B 74 3.60 -15.00 -12.46
C LEU B 74 2.47 -14.34 -11.66
N PRO B 75 2.07 -13.12 -12.01
CA PRO B 75 0.84 -12.55 -11.46
C PRO B 75 -0.37 -12.80 -12.35
N ILE B 76 -1.55 -12.64 -11.77
CA ILE B 76 -2.81 -12.81 -12.48
C ILE B 76 -3.52 -11.47 -12.54
N LEU B 77 -3.87 -11.05 -13.75
CA LEU B 77 -4.58 -9.80 -13.99
C LEU B 77 -6.01 -10.10 -14.41
N THR B 78 -6.97 -9.40 -13.81
CA THR B 78 -8.39 -9.54 -14.14
C THR B 78 -8.93 -8.18 -14.52
N THR B 79 -9.40 -8.06 -15.75
CA THR B 79 -9.89 -6.80 -16.30
C THR B 79 -11.41 -6.78 -16.27
N ARG B 80 -11.95 -5.56 -16.32
CA ARG B 80 -13.40 -5.33 -16.40
C ARG B 80 -14.13 -6.06 -15.26
N LEU B 81 -13.71 -5.75 -14.03
CA LEU B 81 -14.24 -6.39 -12.83
C LEU B 81 -14.96 -5.32 -12.01
N SER B 82 -16.28 -5.41 -11.93
CA SER B 82 -17.06 -4.44 -11.19
C SER B 82 -16.78 -4.54 -9.69
N ALA B 83 -17.07 -3.45 -8.97
CA ALA B 83 -16.88 -3.45 -7.53
C ALA B 83 -17.85 -4.40 -6.83
N GLU B 84 -19.06 -4.56 -7.37
CA GLU B 84 -20.02 -5.49 -6.79
C GLU B 84 -19.57 -6.94 -6.95
N LYS B 85 -18.81 -7.22 -8.01
N LYS B 85 -18.80 -7.26 -7.99
CA LYS B 85 -18.25 -8.55 -8.22
CA LYS B 85 -18.27 -8.62 -8.13
C LYS B 85 -16.94 -8.74 -7.45
C LYS B 85 -16.81 -8.71 -7.71
N PHE B 86 -16.24 -7.65 -7.16
CA PHE B 86 -15.02 -7.74 -6.36
C PHE B 86 -15.32 -7.87 -4.87
N ALA B 87 -16.45 -7.29 -4.42
CA ALA B 87 -16.83 -7.44 -3.02
C ALA B 87 -17.08 -8.90 -2.67
N ALA B 88 -17.76 -9.63 -3.55
CA ALA B 88 -17.98 -11.05 -3.33
C ALA B 88 -16.68 -11.83 -3.48
N LEU B 89 -15.68 -11.23 -4.12
CA LEU B 89 -14.41 -11.88 -4.40
C LEU B 89 -13.34 -11.56 -3.36
N GLN B 90 -13.51 -10.48 -2.60
CA GLN B 90 -12.48 -10.06 -1.66
C GLN B 90 -12.23 -11.07 -0.54
N PRO B 91 -13.24 -11.69 0.09
CA PRO B 91 -12.94 -12.73 1.09
C PRO B 91 -12.25 -13.95 0.52
N ALA B 92 -12.31 -14.16 -0.79
CA ALA B 92 -11.76 -15.38 -1.39
C ALA B 92 -10.27 -15.23 -1.67
N LEU B 93 -9.85 -14.10 -2.21
CA LEU B 93 -8.45 -13.82 -2.50
C LEU B 93 -7.96 -12.71 -1.58
N PRO B 94 -7.50 -13.04 -0.37
CA PRO B 94 -7.14 -11.98 0.59
C PRO B 94 -5.84 -11.27 0.25
N THR B 95 -5.07 -11.78 -0.71
CA THR B 95 -3.86 -11.13 -1.17
C THR B 95 -4.09 -10.29 -2.42
N ALA B 96 -5.34 -10.16 -2.85
CA ALA B 96 -5.64 -9.49 -4.12
C ALA B 96 -5.70 -7.99 -3.94
N VAL B 97 -5.28 -7.27 -4.98
CA VAL B 97 -5.30 -5.82 -5.03
C VAL B 97 -6.33 -5.39 -6.07
N TYR B 98 -7.24 -4.50 -5.68
CA TYR B 98 -8.26 -3.98 -6.57
C TYR B 98 -7.95 -2.53 -6.90
N HIS B 99 -8.02 -2.21 -8.18
CA HIS B 99 -7.86 -0.84 -8.67
C HIS B 99 -9.24 -0.36 -9.07
N ALA B 100 -9.86 0.42 -8.18
CA ALA B 100 -11.26 0.79 -8.36
C ALA B 100 -11.49 1.48 -9.70
N THR B 101 -10.70 2.50 -10.01
CA THR B 101 -10.90 3.26 -11.23
C THR B 101 -10.68 2.40 -12.47
N ALA B 102 -9.67 1.53 -12.44
CA ALA B 102 -9.34 0.68 -13.57
C ALA B 102 -10.27 -0.51 -13.73
N GLN B 103 -11.07 -0.82 -12.71
CA GLN B 103 -11.86 -2.05 -12.65
C GLN B 103 -10.98 -3.26 -12.97
N CYS B 104 -9.81 -3.30 -12.37
CA CYS B 104 -8.86 -4.38 -12.59
C CYS B 104 -8.45 -4.95 -11.23
N MET B 105 -8.02 -6.21 -11.24
CA MET B 105 -7.61 -6.93 -10.04
C MET B 105 -6.30 -7.64 -10.32
N THR B 106 -5.36 -7.52 -9.40
CA THR B 106 -4.05 -8.15 -9.52
C THR B 106 -3.87 -9.17 -8.40
N VAL B 107 -3.37 -10.34 -8.77
CA VAL B 107 -3.20 -11.45 -7.84
C VAL B 107 -1.72 -11.82 -7.75
N GLY B 108 -0.96 -11.07 -6.97
CA GLY B 108 0.44 -11.36 -6.73
C GLY B 108 1.34 -10.15 -6.80
N GLU B 109 2.23 -10.01 -5.82
CA GLU B 109 3.15 -8.88 -5.79
C GLU B 109 3.97 -8.82 -7.07
N GLN B 110 3.89 -7.72 -7.79
CA GLN B 110 4.63 -7.59 -9.04
C GLN B 110 6.12 -7.47 -8.76
N PRO B 111 6.99 -8.20 -9.49
CA PRO B 111 8.43 -8.01 -9.29
C PRO B 111 8.83 -6.66 -9.86
N ALA B 112 10.13 -6.39 -9.91
CA ALA B 112 10.59 -5.17 -10.56
C ALA B 112 10.13 -5.14 -12.02
N PRO B 113 10.07 -3.95 -12.62
CA PRO B 113 9.87 -3.86 -14.07
C PRO B 113 10.88 -4.71 -14.83
N LYS B 114 10.47 -5.16 -16.01
CA LYS B 114 11.37 -5.95 -16.86
C LYS B 114 12.31 -5.10 -17.69
N THR B 115 11.97 -3.84 -17.93
CA THR B 115 12.67 -3.03 -18.89
C THR B 115 12.78 -1.62 -18.33
N PRO B 116 13.91 -0.95 -18.53
CA PRO B 116 14.05 0.39 -17.92
C PRO B 116 13.24 1.46 -18.62
N GLY B 117 12.74 1.21 -19.83
CA GLY B 117 11.96 2.23 -20.49
C GLY B 117 10.59 2.33 -19.88
N TYR B 118 9.82 3.30 -20.35
CA TYR B 118 8.50 3.49 -19.80
C TYR B 118 7.50 3.71 -20.92
N ILE B 119 6.25 3.36 -20.61
CA ILE B 119 5.12 3.60 -21.49
C ILE B 119 4.40 4.83 -20.98
N ALA B 120 4.07 5.74 -21.89
CA ALA B 120 3.33 6.94 -21.53
C ALA B 120 1.84 6.69 -21.78
N VAL B 121 1.03 6.90 -20.75
CA VAL B 121 -0.42 6.82 -20.84
C VAL B 121 -0.97 8.24 -20.80
N VAL B 122 -1.44 8.71 -21.96
CA VAL B 122 -1.88 10.09 -22.14
C VAL B 122 -3.38 10.13 -22.32
N THR B 123 -4.05 11.02 -21.58
CA THR B 123 -5.49 11.17 -21.69
C THR B 123 -5.86 12.61 -21.97
N ALA B 124 -6.98 12.78 -22.67
CA ALA B 124 -7.45 14.12 -23.01
C ALA B 124 -8.27 14.73 -21.88
N GLY B 125 -9.02 13.93 -21.13
CA GLY B 125 -9.83 14.45 -20.05
C GLY B 125 -9.98 13.44 -18.93
N THR B 126 -10.48 13.94 -17.80
CA THR B 126 -10.63 13.09 -16.62
C THR B 126 -11.64 11.96 -16.85
N ALA B 127 -12.59 12.16 -17.76
CA ALA B 127 -13.56 11.12 -18.06
C ALA B 127 -12.92 9.90 -18.71
N ASP B 128 -11.72 10.06 -19.29
CA ASP B 128 -10.99 8.94 -19.88
C ASP B 128 -10.20 8.14 -18.86
N GLN B 129 -10.17 8.57 -17.60
CA GLN B 129 -9.31 7.93 -16.61
C GLN B 129 -9.60 6.45 -16.38
N PRO B 130 -10.86 5.97 -16.36
CA PRO B 130 -11.06 4.52 -16.17
C PRO B 130 -10.35 3.66 -17.19
N VAL B 131 -10.57 3.87 -18.49
CA VAL B 131 -9.88 3.04 -19.47
C VAL B 131 -8.40 3.36 -19.49
N ALA B 132 -8.02 4.59 -19.13
CA ALA B 132 -6.60 4.90 -18.98
C ALA B 132 -5.97 4.07 -17.87
N GLU B 133 -6.63 4.02 -16.72
CA GLU B 133 -6.09 3.26 -15.60
C GLU B 133 -6.12 1.77 -15.89
N GLU B 134 -7.08 1.31 -16.67
CA GLU B 134 -7.04 -0.06 -17.15
C GLU B 134 -5.78 -0.31 -17.98
N ALA B 135 -5.45 0.62 -18.88
CA ALA B 135 -4.23 0.47 -19.66
C ALA B 135 -3.00 0.59 -18.78
N ALA B 136 -3.00 1.53 -17.84
CA ALA B 136 -1.84 1.73 -16.99
C ALA B 136 -1.61 0.52 -16.08
N VAL B 137 -2.68 0.00 -15.47
CA VAL B 137 -2.53 -1.15 -14.58
C VAL B 137 -2.14 -2.39 -15.37
N THR B 138 -2.67 -2.55 -16.59
CA THR B 138 -2.26 -3.67 -17.42
C THR B 138 -0.78 -3.59 -17.76
N ALA B 139 -0.32 -2.41 -18.18
CA ALA B 139 1.08 -2.26 -18.58
C ALA B 139 2.01 -2.51 -17.40
N GLU B 140 1.62 -2.07 -16.20
CA GLU B 140 2.48 -2.28 -15.04
C GLU B 140 2.48 -3.74 -14.62
N THR B 141 1.34 -4.42 -14.73
CA THR B 141 1.26 -5.83 -14.41
C THR B 141 2.08 -6.68 -15.39
N PHE B 142 2.24 -6.21 -16.62
CA PHE B 142 3.06 -6.91 -17.59
C PHE B 142 4.54 -6.59 -17.43
N GLY B 143 4.90 -5.77 -16.46
CA GLY B 143 6.30 -5.48 -16.19
C GLY B 143 6.84 -4.28 -16.90
N ASN B 144 6.01 -3.25 -17.13
CA ASN B 144 6.43 -2.04 -17.81
C ASN B 144 6.30 -0.87 -16.86
N ARG B 145 7.29 0.03 -16.92
CA ARG B 145 7.17 1.32 -16.26
C ARG B 145 6.14 2.18 -16.98
N VAL B 146 5.31 2.88 -16.21
CA VAL B 146 4.23 3.68 -16.77
C VAL B 146 4.32 5.09 -16.18
N GLU B 147 4.31 6.09 -17.05
CA GLU B 147 4.22 7.47 -16.65
C GLU B 147 2.88 8.00 -17.15
N ARG B 148 2.03 8.42 -16.22
CA ARG B 148 0.69 8.91 -16.54
C ARG B 148 0.75 10.39 -16.87
N VAL B 149 0.25 10.75 -18.04
CA VAL B 149 0.11 12.15 -18.46
C VAL B 149 -1.37 12.36 -18.71
N TYR B 150 -2.11 12.72 -17.66
CA TYR B 150 -3.56 12.73 -17.70
C TYR B 150 -4.11 14.13 -17.88
N ASP B 151 -5.25 14.20 -18.59
CA ASP B 151 -6.05 15.42 -18.73
C ASP B 151 -5.25 16.53 -19.44
N VAL B 152 -4.84 16.23 -20.67
CA VAL B 152 -4.08 17.17 -21.47
C VAL B 152 -4.71 17.33 -22.85
N GLY B 153 -6.03 17.40 -22.92
CA GLY B 153 -6.70 17.56 -24.19
C GLY B 153 -6.43 18.91 -24.83
N VAL B 154 -6.76 19.00 -26.12
CA VAL B 154 -6.41 20.18 -26.91
C VAL B 154 -7.29 21.38 -26.59
N ALA B 155 -8.33 21.22 -25.75
CA ALA B 155 -9.08 22.38 -25.31
C ALA B 155 -8.19 23.33 -24.53
N GLY B 156 -7.28 22.79 -23.73
CA GLY B 156 -6.21 23.56 -23.12
C GLY B 156 -4.88 22.94 -23.48
N ILE B 157 -4.40 23.22 -24.70
CA ILE B 157 -3.24 22.52 -25.22
C ILE B 157 -1.95 22.88 -24.50
N HIS B 158 -1.95 23.98 -23.75
CA HIS B 158 -0.74 24.35 -23.03
C HIS B 158 -0.34 23.26 -22.05
N ARG B 159 -1.32 22.54 -21.50
CA ARG B 159 -0.99 21.42 -20.58
C ARG B 159 -0.21 20.35 -21.36
N LEU B 160 -0.50 20.16 -22.64
CA LEU B 160 0.18 19.10 -23.37
C LEU B 160 1.66 19.42 -23.56
N PHE B 161 1.98 20.66 -23.94
CA PHE B 161 3.38 21.00 -24.17
C PHE B 161 4.17 21.02 -22.88
N ALA B 162 3.51 21.28 -21.74
CA ALA B 162 4.23 21.25 -20.47
C ALA B 162 4.72 19.85 -20.14
N LYS B 163 4.01 18.81 -20.58
CA LYS B 163 4.38 17.43 -20.31
C LYS B 163 4.96 16.73 -21.54
N LEU B 164 5.34 17.50 -22.56
CA LEU B 164 5.84 16.89 -23.79
C LEU B 164 7.18 16.21 -23.59
N ASP B 165 8.03 16.70 -22.68
CA ASP B 165 9.29 16.03 -22.41
C ASP B 165 9.06 14.60 -21.91
N VAL B 166 8.07 14.41 -21.03
CA VAL B 166 7.77 13.08 -20.50
C VAL B 166 7.24 12.18 -21.61
N ILE B 167 6.39 12.71 -22.47
CA ILE B 167 5.80 11.90 -23.54
C ILE B 167 6.86 11.49 -24.55
N ARG B 168 7.72 12.43 -24.96
CA ARG B 168 8.75 12.13 -25.95
C ARG B 168 9.81 11.18 -25.40
N GLY B 169 10.01 11.17 -24.09
CA GLY B 169 10.97 10.25 -23.51
C GLY B 169 10.48 8.83 -23.41
N ALA B 170 9.19 8.61 -23.65
CA ALA B 170 8.62 7.29 -23.57
C ALA B 170 9.08 6.42 -24.74
N ARG B 171 9.04 5.11 -24.52
CA ARG B 171 9.32 4.18 -25.60
C ARG B 171 8.08 3.92 -26.44
N VAL B 172 6.90 3.94 -25.82
CA VAL B 172 5.62 3.82 -26.50
C VAL B 172 4.65 4.79 -25.85
N VAL B 173 3.78 5.40 -26.65
CA VAL B 173 2.78 6.32 -26.13
C VAL B 173 1.39 5.74 -26.42
N ILE B 174 0.59 5.62 -25.37
CA ILE B 174 -0.82 5.27 -25.49
C ILE B 174 -1.61 6.55 -25.26
N VAL B 175 -2.33 6.99 -26.29
CA VAL B 175 -3.16 8.18 -26.22
C VAL B 175 -4.61 7.76 -26.12
N ILE B 176 -5.32 8.28 -25.13
CA ILE B 176 -6.67 7.86 -24.81
C ILE B 176 -7.56 9.09 -24.78
N ALA B 177 -8.64 9.07 -25.56
CA ALA B 177 -9.49 10.25 -25.70
C ALA B 177 -10.86 9.83 -26.21
N GLY B 178 -11.87 10.62 -25.84
CA GLY B 178 -13.21 10.44 -26.35
C GLY B 178 -13.72 11.71 -27.03
N MET B 179 -15.01 11.74 -27.39
CA MET B 179 -15.60 12.84 -28.14
C MET B 179 -14.75 13.14 -29.35
N GLU B 180 -14.14 14.33 -29.41
CA GLU B 180 -13.22 14.60 -30.51
C GLU B 180 -11.93 13.82 -30.21
N GLY B 181 -11.50 13.00 -31.16
CA GLY B 181 -10.31 12.21 -30.92
C GLY B 181 -9.05 12.97 -31.30
N ALA B 182 -9.11 14.29 -31.18
CA ALA B 182 -8.04 15.13 -31.70
C ALA B 182 -6.71 14.95 -30.98
N LEU B 183 -6.71 14.49 -29.72
CA LEU B 183 -5.44 14.41 -29.01
C LEU B 183 -4.49 13.44 -29.67
N ALA B 184 -5.00 12.35 -30.25
CA ALA B 184 -4.14 11.40 -30.93
C ALA B 184 -3.39 12.07 -32.08
N SER B 185 -4.11 12.85 -32.89
CA SER B 185 -3.47 13.51 -34.04
C SER B 185 -2.37 14.46 -33.57
N VAL B 186 -2.63 15.23 -32.52
CA VAL B 186 -1.64 16.19 -32.06
C VAL B 186 -0.41 15.46 -31.52
N VAL B 187 -0.63 14.43 -30.70
CA VAL B 187 0.50 13.68 -30.16
C VAL B 187 1.25 12.95 -31.27
N GLY B 188 0.52 12.32 -32.20
CA GLY B 188 1.18 11.58 -33.26
C GLY B 188 2.10 12.44 -34.10
N GLY B 189 1.71 13.68 -34.37
CA GLY B 189 2.55 14.59 -35.11
C GLY B 189 3.70 15.18 -34.32
N LEU B 190 3.70 15.03 -32.99
CA LEU B 190 4.71 15.64 -32.15
C LEU B 190 5.75 14.66 -31.62
N VAL B 191 5.50 13.36 -31.67
CA VAL B 191 6.44 12.36 -31.16
C VAL B 191 6.81 11.43 -32.31
N ASP B 192 8.08 11.04 -32.34
CA ASP B 192 8.58 10.09 -33.34
C ASP B 192 8.74 8.71 -32.74
N LYS B 193 7.74 8.31 -31.97
CA LYS B 193 7.67 7.02 -31.30
C LYS B 193 6.33 6.40 -31.64
N PRO B 194 6.21 5.08 -31.52
CA PRO B 194 4.92 4.44 -31.79
C PRO B 194 3.83 4.98 -30.87
N VAL B 195 2.71 5.34 -31.48
CA VAL B 195 1.53 5.82 -30.76
C VAL B 195 0.41 4.81 -30.98
N ILE B 196 -0.22 4.40 -29.89
CA ILE B 196 -1.40 3.54 -29.94
C ILE B 196 -2.56 4.34 -29.36
N ALA B 197 -3.57 4.60 -30.18
CA ALA B 197 -4.70 5.44 -29.80
C ALA B 197 -5.84 4.58 -29.30
N VAL B 198 -6.41 4.95 -28.15
CA VAL B 198 -7.55 4.26 -27.58
C VAL B 198 -8.75 5.19 -27.54
N PRO B 199 -9.77 4.96 -28.35
CA PRO B 199 -11.00 5.75 -28.23
C PRO B 199 -11.84 5.26 -27.06
N THR B 200 -12.41 6.21 -26.33
CA THR B 200 -13.31 5.91 -25.22
C THR B 200 -14.73 6.26 -25.61
N SER B 201 -15.67 5.66 -24.90
CA SER B 201 -17.09 5.79 -25.19
C SER B 201 -17.74 6.93 -24.42
N VAL B 202 -16.96 7.85 -23.89
CA VAL B 202 -17.51 8.97 -23.13
C VAL B 202 -18.29 9.88 -24.07
N GLY B 203 -19.45 10.32 -23.61
CA GLY B 203 -20.26 11.28 -24.33
C GLY B 203 -21.55 10.68 -24.84
N TYR B 204 -22.44 11.58 -25.25
CA TYR B 204 -23.74 11.27 -25.81
C TYR B 204 -23.85 11.93 -27.19
N GLY B 205 -25.00 11.78 -27.82
CA GLY B 205 -25.21 12.45 -29.09
C GLY B 205 -24.27 11.95 -30.16
N THR B 206 -23.65 12.87 -30.88
CA THR B 206 -22.82 12.51 -32.03
C THR B 206 -21.46 11.94 -31.65
N SER B 207 -21.15 11.77 -30.36
CA SER B 207 -19.95 11.02 -30.03
C SER B 207 -20.15 9.54 -30.33
N PHE B 208 -21.41 9.07 -30.23
CA PHE B 208 -21.80 7.71 -30.61
C PHE B 208 -21.00 6.67 -29.84
N GLN B 209 -20.86 6.90 -28.53
CA GLN B 209 -20.25 5.95 -27.61
C GLN B 209 -18.86 5.53 -28.07
N GLY B 210 -18.11 6.51 -28.60
CA GLY B 210 -16.74 6.30 -29.00
C GLY B 210 -16.53 6.15 -30.49
N MET B 211 -17.60 6.06 -31.27
CA MET B 211 -17.47 5.80 -32.70
C MET B 211 -16.77 6.95 -33.40
N THR B 212 -17.12 8.19 -33.04
CA THR B 212 -16.47 9.35 -33.65
C THR B 212 -15.00 9.43 -33.26
N ALA B 213 -14.70 9.27 -31.97
CA ALA B 213 -13.30 9.28 -31.55
C ALA B 213 -12.50 8.21 -32.29
N LEU B 214 -13.11 7.05 -32.50
CA LEU B 214 -12.43 5.97 -33.22
C LEU B 214 -12.13 6.37 -34.66
N LEU B 215 -13.10 6.94 -35.36
CA LEU B 215 -12.90 7.33 -36.76
C LEU B 215 -11.86 8.43 -36.88
N THR B 216 -11.87 9.38 -35.93
CA THR B 216 -10.88 10.45 -35.94
C THR B 216 -9.47 9.86 -35.81
N MET B 217 -9.30 8.93 -34.88
CA MET B 217 -7.97 8.34 -34.66
C MET B 217 -7.52 7.54 -35.86
N LEU B 218 -8.43 6.77 -36.47
CA LEU B 218 -8.06 5.99 -37.64
C LEU B 218 -7.56 6.86 -38.78
N ASN B 219 -8.06 8.09 -38.89
CA ASN B 219 -7.63 8.97 -39.96
C ASN B 219 -6.40 9.77 -39.62
N SER B 220 -5.72 9.44 -38.52
CA SER B 220 -4.46 10.06 -38.14
C SER B 220 -3.31 9.06 -38.20
N CYS B 221 -3.53 7.86 -38.75
CA CYS B 221 -2.53 6.81 -38.72
C CYS B 221 -1.34 7.11 -39.62
N ALA B 222 -1.48 8.06 -40.55
CA ALA B 222 -0.34 8.49 -41.35
C ALA B 222 0.79 9.04 -40.49
N SER B 223 0.49 9.50 -39.27
CA SER B 223 1.51 9.79 -38.28
C SER B 223 2.03 8.47 -37.71
N GLY B 224 2.54 8.50 -36.50
CA GLY B 224 2.96 7.24 -35.91
C GLY B 224 1.87 6.54 -35.14
N ILE B 225 0.62 6.62 -35.62
CA ILE B 225 -0.54 6.25 -34.83
C ILE B 225 -1.11 4.93 -35.30
N THR B 226 -1.48 4.09 -34.34
CA THR B 226 -2.17 2.84 -34.60
C THR B 226 -3.30 2.76 -33.57
N VAL B 227 -4.39 2.08 -33.92
CA VAL B 227 -5.64 2.21 -33.17
C VAL B 227 -6.13 0.85 -32.68
N VAL B 228 -6.76 0.86 -31.49
CA VAL B 228 -7.43 -0.31 -30.94
C VAL B 228 -8.93 -0.03 -30.81
N ASN B 229 -9.66 -1.08 -30.41
CA ASN B 229 -11.11 -1.01 -30.23
C ASN B 229 -11.48 -0.02 -29.14
N ILE B 230 -12.73 0.48 -29.21
CA ILE B 230 -13.25 1.41 -28.23
C ILE B 230 -13.09 0.85 -26.82
N ASP B 231 -12.56 1.69 -25.92
CA ASP B 231 -12.38 1.41 -24.50
C ASP B 231 -11.36 0.31 -24.22
N ASN B 232 -10.65 -0.17 -25.24
CA ASN B 232 -9.78 -1.32 -25.06
C ASN B 232 -8.40 -0.86 -24.60
N GLY B 233 -8.38 -0.33 -23.37
CA GLY B 233 -7.12 0.05 -22.77
C GLY B 233 -6.20 -1.13 -22.54
N PHE B 234 -6.79 -2.30 -22.22
CA PHE B 234 -5.99 -3.51 -22.06
C PHE B 234 -5.25 -3.86 -23.35
N GLY B 235 -5.98 -3.95 -24.47
CA GLY B 235 -5.35 -4.32 -25.72
C GLY B 235 -4.24 -3.35 -26.11
N ALA B 236 -4.44 -2.07 -25.83
CA ALA B 236 -3.40 -1.10 -26.15
C ALA B 236 -2.16 -1.34 -25.30
N ALA B 237 -2.34 -1.59 -24.00
CA ALA B 237 -1.19 -1.87 -23.15
C ALA B 237 -0.54 -3.20 -23.53
N TYR B 238 -1.34 -4.17 -23.97
CA TYR B 238 -0.78 -5.45 -24.40
C TYR B 238 0.20 -5.25 -25.56
N SER B 239 -0.23 -4.53 -26.61
CA SER B 239 0.69 -4.25 -27.70
C SER B 239 1.82 -3.33 -27.26
N ALA B 240 1.51 -2.31 -26.44
CA ALA B 240 2.55 -1.42 -25.96
C ALA B 240 3.62 -2.19 -25.20
N SER B 241 3.21 -3.17 -24.41
CA SER B 241 4.17 -3.97 -23.66
C SER B 241 5.13 -4.70 -24.59
N MET B 242 4.60 -5.30 -25.67
CA MET B 242 5.46 -6.01 -26.60
C MET B 242 6.47 -5.09 -27.26
N VAL B 243 6.03 -3.90 -27.68
CA VAL B 243 6.95 -2.97 -28.32
C VAL B 243 8.01 -2.51 -27.32
N ASN B 244 7.59 -2.23 -26.10
CA ASN B 244 8.52 -1.70 -25.10
C ASN B 244 9.55 -2.74 -24.67
N GLN B 245 9.24 -4.02 -24.75
CA GLN B 245 10.08 -5.06 -24.19
C GLN B 245 10.84 -5.88 -25.23
N MET B 246 11.15 -5.24 -26.35
CA MET B 246 11.90 -5.93 -27.44
C MET B 246 13.20 -5.16 -27.68
N ARG C 45 33.96 -24.08 -13.31
CA ARG C 45 32.96 -24.30 -14.36
C ARG C 45 31.69 -23.51 -14.07
N ASN C 46 31.86 -22.28 -13.59
CA ASN C 46 30.72 -21.45 -13.26
C ASN C 46 29.98 -21.02 -14.53
N GLY C 47 28.83 -20.38 -14.34
CA GLY C 47 28.03 -19.90 -15.44
C GLY C 47 28.39 -18.52 -15.91
N PHE C 48 29.46 -17.94 -15.38
CA PHE C 48 30.02 -16.59 -15.49
C PHE C 48 31.07 -16.55 -16.59
N PRO C 49 31.13 -15.48 -17.38
CA PRO C 49 32.15 -15.41 -18.44
C PRO C 49 33.54 -15.30 -17.85
N GLU C 50 34.54 -15.61 -18.69
CA GLU C 50 35.92 -15.48 -18.26
C GLU C 50 36.32 -14.02 -18.25
N VAL C 51 37.03 -13.62 -17.21
CA VAL C 51 37.39 -12.21 -17.01
C VAL C 51 38.90 -12.11 -16.87
N ILE C 52 39.52 -11.29 -17.71
CA ILE C 52 40.96 -11.05 -17.66
C ILE C 52 41.21 -9.67 -17.06
N TYR C 53 42.08 -9.62 -16.04
CA TYR C 53 42.51 -8.37 -15.43
C TYR C 53 43.72 -7.89 -16.23
N GLY C 54 43.45 -7.13 -17.29
CA GLY C 54 44.49 -6.75 -18.24
C GLY C 54 45.41 -5.64 -17.78
N ALA C 55 45.46 -5.39 -16.48
CA ALA C 55 46.36 -4.36 -15.96
C ALA C 55 47.77 -4.90 -15.76
N GLY C 56 47.91 -6.01 -15.03
CA GLY C 56 49.19 -6.63 -14.79
C GLY C 56 49.70 -7.54 -15.89
N LYS C 57 49.06 -7.53 -17.05
CA LYS C 57 49.44 -8.38 -18.17
C LYS C 57 49.88 -7.53 -19.35
N THR C 58 50.79 -8.07 -20.16
CA THR C 58 51.25 -7.39 -21.34
C THR C 58 50.34 -7.68 -22.52
N ALA C 59 50.45 -6.87 -23.57
CA ALA C 59 49.59 -7.02 -24.74
C ALA C 59 49.73 -8.40 -25.36
N THR C 60 50.91 -9.02 -25.24
CA THR C 60 51.12 -10.36 -25.77
C THR C 60 50.53 -11.42 -24.85
N GLN C 61 50.70 -11.27 -23.52
CA GLN C 61 50.12 -12.21 -22.58
C GLN C 61 48.61 -12.27 -22.72
N ILE C 62 47.96 -11.13 -22.93
CA ILE C 62 46.51 -11.09 -23.00
C ILE C 62 46.00 -11.87 -24.21
N VAL C 63 46.67 -11.71 -25.36
CA VAL C 63 46.25 -12.44 -26.56
C VAL C 63 46.38 -13.94 -26.36
N GLY C 64 47.36 -14.39 -25.58
CA GLY C 64 47.49 -15.81 -25.32
C GLY C 64 46.37 -16.35 -24.46
N ILE C 65 45.94 -15.59 -23.45
CA ILE C 65 44.85 -16.02 -22.58
C ILE C 65 43.54 -16.07 -23.34
N VAL C 66 43.33 -15.12 -24.26
CA VAL C 66 42.05 -15.04 -24.98
C VAL C 66 41.90 -16.22 -25.93
N GLN C 67 42.92 -16.49 -26.74
CA GLN C 67 42.82 -17.56 -27.73
C GLN C 67 42.70 -18.93 -27.08
N ALA C 68 43.26 -19.11 -25.88
CA ALA C 68 43.18 -20.40 -25.22
C ALA C 68 41.74 -20.72 -24.79
N LEU C 69 40.99 -19.70 -24.38
CA LEU C 69 39.61 -19.92 -23.95
C LEU C 69 38.60 -19.71 -25.06
N SER C 70 39.05 -19.44 -26.29
CA SER C 70 38.15 -19.27 -27.42
C SER C 70 37.69 -20.59 -28.02
N GLN C 71 37.86 -21.72 -27.33
CA GLN C 71 37.37 -22.99 -27.84
C GLN C 71 36.09 -23.49 -27.16
N GLN C 72 35.55 -22.77 -26.18
CA GLN C 72 34.31 -23.20 -25.53
C GLN C 72 33.73 -22.17 -24.57
N THR C 73 34.35 -21.00 -24.46
CA THR C 73 33.85 -19.93 -23.61
C THR C 73 33.15 -18.90 -24.47
N LEU C 74 31.90 -18.58 -24.14
CA LEU C 74 31.12 -17.77 -25.06
C LEU C 74 31.59 -16.31 -24.99
N PRO C 75 31.36 -15.53 -23.90
CA PRO C 75 32.00 -14.21 -23.86
C PRO C 75 33.29 -14.17 -23.03
N ILE C 76 34.21 -13.31 -23.44
CA ILE C 76 35.47 -13.08 -22.72
C ILE C 76 35.52 -11.60 -22.41
N LEU C 77 35.67 -11.27 -21.13
CA LEU C 77 35.75 -9.88 -20.71
C LEU C 77 37.15 -9.58 -20.21
N THR C 78 37.71 -8.46 -20.66
CA THR C 78 39.03 -8.01 -20.20
C THR C 78 38.88 -6.59 -19.68
N THR C 79 39.20 -6.39 -18.40
CA THR C 79 39.01 -5.11 -17.75
C THR C 79 40.31 -4.34 -17.63
N ARG C 80 40.17 -3.03 -17.45
CA ARG C 80 41.28 -2.11 -17.18
C ARG C 80 42.37 -2.26 -18.24
N LEU C 81 41.96 -2.08 -19.49
CA LEU C 81 42.82 -2.27 -20.66
C LEU C 81 42.99 -0.94 -21.38
N SER C 82 44.21 -0.41 -21.37
CA SER C 82 44.46 0.88 -21.98
C SER C 82 44.23 0.84 -23.49
N ALA C 83 43.96 2.00 -24.07
CA ALA C 83 43.73 2.08 -25.51
C ALA C 83 44.99 1.74 -26.29
N GLU C 84 46.17 2.10 -25.76
CA GLU C 84 47.41 1.73 -26.41
C GLU C 84 47.65 0.22 -26.31
N LYS C 85 47.17 -0.41 -25.24
CA LYS C 85 47.28 -1.87 -25.13
C LYS C 85 46.33 -2.57 -26.08
N PHE C 86 45.15 -2.00 -26.32
CA PHE C 86 44.24 -2.59 -27.28
C PHE C 86 44.73 -2.41 -28.72
N ALA C 87 45.46 -1.33 -28.98
CA ALA C 87 46.00 -1.10 -30.32
C ALA C 87 46.98 -2.19 -30.73
N ALA C 88 47.84 -2.62 -29.82
CA ALA C 88 48.82 -3.65 -30.15
C ALA C 88 48.19 -5.03 -30.37
N LEU C 89 47.00 -5.29 -29.81
CA LEU C 89 46.38 -6.59 -29.99
C LEU C 89 45.26 -6.62 -31.02
N GLN C 90 44.81 -5.46 -31.50
CA GLN C 90 43.65 -5.43 -32.38
C GLN C 90 43.85 -6.20 -33.69
N PRO C 91 44.99 -6.12 -34.37
CA PRO C 91 45.19 -7.01 -35.53
C PRO C 91 45.23 -8.49 -35.16
N ALA C 92 45.52 -8.83 -33.90
CA ALA C 92 45.57 -10.22 -33.49
C ALA C 92 44.18 -10.78 -33.21
N LEU C 93 43.33 -10.01 -32.53
CA LEU C 93 41.96 -10.41 -32.22
C LEU C 93 41.01 -9.51 -32.99
N PRO C 94 40.67 -9.83 -34.24
CA PRO C 94 39.85 -8.92 -35.04
C PRO C 94 38.38 -8.93 -34.67
N THR C 95 37.92 -9.87 -33.86
CA THR C 95 36.54 -9.91 -33.39
C THR C 95 36.34 -9.23 -32.05
N ALA C 96 37.38 -8.58 -31.52
CA ALA C 96 37.30 -7.98 -30.20
C ALA C 96 36.67 -6.59 -30.29
N VAL C 97 35.91 -6.24 -29.26
CA VAL C 97 35.26 -4.93 -29.15
C VAL C 97 35.91 -4.18 -28.01
N TYR C 98 36.31 -2.93 -28.27
CA TYR C 98 36.91 -2.09 -27.26
C TYR C 98 35.94 -0.99 -26.86
N HIS C 99 35.77 -0.82 -25.55
CA HIS C 99 34.93 0.23 -24.97
C HIS C 99 35.88 1.27 -24.37
N ALA C 100 36.09 2.37 -25.09
CA ALA C 100 37.12 3.34 -24.73
C ALA C 100 36.94 3.87 -23.31
N THR C 101 35.74 4.33 -22.98
CA THR C 101 35.50 4.91 -21.66
C THR C 101 35.68 3.88 -20.56
N ALA C 102 35.21 2.65 -20.79
CA ALA C 102 35.28 1.60 -19.77
C ALA C 102 36.66 0.96 -19.68
N GLN C 103 37.51 1.18 -20.68
CA GLN C 103 38.78 0.47 -20.81
C GLN C 103 38.58 -1.04 -20.68
N CYS C 104 37.55 -1.54 -21.37
CA CYS C 104 37.21 -2.95 -21.33
C CYS C 104 37.16 -3.51 -22.74
N MET C 105 37.39 -4.81 -22.85
CA MET C 105 37.40 -5.51 -24.12
C MET C 105 36.57 -6.77 -24.01
N THR C 106 35.69 -6.99 -24.98
CA THR C 106 34.87 -8.18 -25.04
C THR C 106 35.19 -8.94 -26.32
N VAL C 107 35.37 -10.25 -26.20
CA VAL C 107 35.72 -11.10 -27.33
C VAL C 107 34.62 -12.13 -27.50
N GLY C 108 33.55 -11.73 -28.19
CA GLY C 108 32.42 -12.61 -28.39
C GLY C 108 31.11 -11.87 -28.26
N GLU C 109 30.16 -12.20 -29.15
CA GLU C 109 28.86 -11.53 -29.18
C GLU C 109 28.24 -11.50 -27.80
N GLN C 110 27.85 -10.31 -27.37
CA GLN C 110 27.30 -10.15 -26.03
C GLN C 110 26.00 -10.94 -25.90
N PRO C 111 25.82 -11.65 -24.78
CA PRO C 111 24.59 -12.44 -24.62
C PRO C 111 23.37 -11.56 -24.45
N ALA C 112 22.27 -11.99 -25.07
CA ALA C 112 20.99 -11.34 -24.82
C ALA C 112 20.67 -11.42 -23.33
N PRO C 113 20.00 -10.42 -22.77
CA PRO C 113 19.74 -10.42 -21.33
C PRO C 113 19.05 -11.69 -20.87
N LYS C 114 19.64 -12.35 -19.87
CA LYS C 114 19.11 -13.61 -19.36
C LYS C 114 17.90 -13.36 -18.45
N THR C 115 18.13 -12.70 -17.31
CA THR C 115 17.06 -12.30 -16.42
C THR C 115 16.28 -11.14 -17.03
N PRO C 116 14.96 -11.06 -16.76
CA PRO C 116 14.19 -9.96 -17.35
C PRO C 116 14.52 -8.58 -16.79
N GLY C 117 14.67 -8.44 -15.47
CA GLY C 117 14.98 -7.15 -14.87
C GLY C 117 16.18 -6.37 -15.38
N TYR C 118 16.45 -5.22 -14.75
CA TYR C 118 17.59 -4.40 -15.15
C TYR C 118 18.34 -3.89 -13.91
N ILE C 119 19.61 -3.61 -14.10
CA ILE C 119 20.48 -3.01 -13.09
C ILE C 119 20.62 -1.53 -13.40
N ALA C 120 20.47 -0.69 -12.38
CA ALA C 120 20.67 0.74 -12.54
C ALA C 120 22.09 1.09 -12.10
N VAL C 121 22.84 1.74 -12.98
CA VAL C 121 24.18 2.21 -12.68
C VAL C 121 24.09 3.73 -12.55
N VAL C 122 24.19 4.21 -11.31
CA VAL C 122 23.93 5.61 -10.98
C VAL C 122 25.26 6.28 -10.71
N THR C 123 25.47 7.44 -11.33
CA THR C 123 26.72 8.17 -11.24
C THR C 123 26.48 9.58 -10.75
N ALA C 124 27.44 10.12 -10.01
CA ALA C 124 27.28 11.47 -9.46
C ALA C 124 27.74 12.55 -10.44
N GLY C 125 28.81 12.30 -11.20
CA GLY C 125 29.33 13.30 -12.11
C GLY C 125 30.00 12.63 -13.29
N THR C 126 30.32 13.44 -14.30
CA THR C 126 30.93 12.89 -15.50
C THR C 126 32.29 12.26 -15.20
N ALA C 127 32.98 12.72 -14.15
CA ALA C 127 34.26 12.11 -13.81
C ALA C 127 34.10 10.66 -13.39
N ASP C 128 32.92 10.26 -12.96
CA ASP C 128 32.67 8.87 -12.58
C ASP C 128 32.35 7.96 -13.76
N GLN C 129 32.24 8.52 -14.96
CA GLN C 129 31.83 7.72 -16.11
C GLN C 129 32.75 6.55 -16.45
N PRO C 130 34.09 6.67 -16.38
CA PRO C 130 34.91 5.50 -16.70
C PRO C 130 34.60 4.26 -15.85
N VAL C 131 34.61 4.39 -14.52
CA VAL C 131 34.30 3.23 -13.70
C VAL C 131 32.83 2.86 -13.84
N ALA C 132 31.96 3.85 -14.11
CA ALA C 132 30.55 3.55 -14.38
C ALA C 132 30.41 2.68 -15.62
N GLU C 133 31.11 3.01 -16.70
CA GLU C 133 31.03 2.21 -17.91
C GLU C 133 31.69 0.85 -17.73
N GLU C 134 32.73 0.77 -16.88
CA GLU C 134 33.29 -0.54 -16.55
C GLU C 134 32.24 -1.42 -15.90
N ALA C 135 31.46 -0.88 -14.97
CA ALA C 135 30.39 -1.65 -14.35
C ALA C 135 29.31 -2.00 -15.36
N ALA C 136 28.92 -1.04 -16.19
CA ALA C 136 27.85 -1.25 -17.15
C ALA C 136 28.24 -2.28 -18.20
N VAL C 137 29.48 -2.19 -18.70
CA VAL C 137 29.95 -3.16 -19.69
C VAL C 137 30.08 -4.54 -19.05
N THR C 138 30.54 -4.59 -17.79
CA THR C 138 30.62 -5.86 -17.08
C THR C 138 29.24 -6.49 -16.92
N ALA C 139 28.27 -5.72 -16.44
CA ALA C 139 26.95 -6.26 -16.18
C ALA C 139 26.29 -6.76 -17.47
N GLU C 140 26.49 -6.04 -18.57
CA GLU C 140 25.90 -6.46 -19.84
C GLU C 140 26.59 -7.71 -20.39
N THR C 141 27.90 -7.83 -20.20
CA THR C 141 28.58 -9.04 -20.62
C THR C 141 28.10 -10.24 -19.82
N PHE C 142 27.65 -10.00 -18.59
CA PHE C 142 27.10 -11.06 -17.76
C PHE C 142 25.63 -11.34 -18.03
N GLY C 143 25.01 -10.62 -18.96
CA GLY C 143 23.65 -10.90 -19.33
C GLY C 143 22.59 -10.14 -18.57
N ASN C 144 22.87 -8.91 -18.17
CA ASN C 144 21.93 -8.08 -17.43
C ASN C 144 21.59 -6.84 -18.23
N ARG C 145 20.31 -6.46 -18.22
CA ARG C 145 19.92 -5.16 -18.73
C ARG C 145 20.44 -4.09 -17.78
N VAL C 146 20.96 -3.00 -18.36
CA VAL C 146 21.56 -1.93 -17.60
C VAL C 146 20.93 -0.62 -18.02
N GLU C 147 20.49 0.17 -17.05
CA GLU C 147 20.02 1.52 -17.28
C GLU C 147 21.03 2.47 -16.67
N ARG C 148 21.59 3.35 -17.50
CA ARG C 148 22.56 4.32 -17.06
C ARG C 148 21.81 5.55 -16.56
N VAL C 149 22.05 5.92 -15.31
CA VAL C 149 21.49 7.13 -14.72
C VAL C 149 22.69 7.94 -14.28
N TYR C 150 23.22 8.74 -15.19
CA TYR C 150 24.50 9.42 -15.02
C TYR C 150 24.31 10.86 -14.61
N ASP C 151 25.26 11.36 -13.82
CA ASP C 151 25.37 12.77 -13.49
C ASP C 151 24.14 13.27 -12.73
N VAL C 152 23.88 12.64 -11.59
CA VAL C 152 22.76 13.00 -10.73
C VAL C 152 23.27 13.22 -9.32
N GLY C 153 24.44 13.85 -9.21
CA GLY C 153 25.06 14.09 -7.92
C GLY C 153 24.26 15.04 -7.06
N VAL C 154 24.60 15.06 -5.78
CA VAL C 154 23.84 15.81 -4.79
C VAL C 154 24.05 17.32 -4.90
N ALA C 155 25.04 17.76 -5.68
CA ALA C 155 25.22 19.20 -5.92
C ALA C 155 24.01 19.80 -6.64
N GLY C 156 23.44 19.05 -7.58
CA GLY C 156 22.16 19.39 -8.17
C GLY C 156 21.20 18.25 -8.00
N ILE C 157 20.60 18.15 -6.81
CA ILE C 157 19.85 16.95 -6.45
C ILE C 157 18.57 16.79 -7.25
N HIS C 158 18.10 17.87 -7.91
CA HIS C 158 16.89 17.75 -8.71
C HIS C 158 17.07 16.75 -9.85
N ARG C 159 18.30 16.60 -10.34
CA ARG C 159 18.58 15.61 -11.38
C ARG C 159 18.32 14.20 -10.89
N LEU C 160 18.53 13.95 -9.59
CA LEU C 160 18.30 12.62 -9.06
C LEU C 160 16.80 12.29 -8.97
N PHE C 161 16.00 13.24 -8.48
CA PHE C 161 14.58 12.96 -8.30
C PHE C 161 13.88 12.79 -9.63
N ALA C 162 14.39 13.43 -10.69
CA ALA C 162 13.83 13.24 -12.02
C ALA C 162 14.00 11.81 -12.49
N LYS C 163 15.05 11.13 -12.04
CA LYS C 163 15.33 9.75 -12.44
C LYS C 163 15.04 8.76 -11.31
N LEU C 164 14.30 9.19 -10.29
CA LEU C 164 14.03 8.30 -9.17
C LEU C 164 13.13 7.13 -9.55
N ASP C 165 12.18 7.35 -10.47
CA ASP C 165 11.33 6.25 -10.92
C ASP C 165 12.12 5.13 -11.58
N VAL C 166 13.09 5.49 -12.42
CA VAL C 166 13.88 4.49 -13.11
C VAL C 166 14.75 3.72 -12.12
N ILE C 167 15.36 4.42 -11.17
CA ILE C 167 16.25 3.78 -10.21
C ILE C 167 15.46 2.83 -9.33
N ARG C 168 14.28 3.25 -8.87
CA ARG C 168 13.48 2.41 -8.01
C ARG C 168 12.97 1.18 -8.74
N GLY C 169 12.87 1.24 -10.06
CA GLY C 169 12.48 0.06 -10.83
C GLY C 169 13.58 -0.95 -11.03
N ALA C 170 14.82 -0.59 -10.74
CA ALA C 170 15.94 -1.51 -10.91
C ALA C 170 15.91 -2.61 -9.86
N ARG C 171 16.51 -3.75 -10.21
CA ARG C 171 16.60 -4.86 -9.27
C ARG C 171 17.77 -4.66 -8.31
N VAL C 172 18.85 -4.07 -8.81
CA VAL C 172 20.00 -3.70 -8.01
C VAL C 172 20.42 -2.32 -8.50
N VAL C 173 20.85 -1.47 -7.58
CA VAL C 173 21.30 -0.13 -7.93
C VAL C 173 22.76 -0.03 -7.57
N ILE C 174 23.58 0.37 -8.54
CA ILE C 174 24.99 0.65 -8.31
C ILE C 174 25.17 2.16 -8.30
N VAL C 175 25.61 2.69 -7.17
CA VAL C 175 25.84 4.12 -7.01
C VAL C 175 27.34 4.37 -7.04
N ILE C 176 27.77 5.27 -7.92
CA ILE C 176 29.18 5.51 -8.19
C ILE C 176 29.45 6.99 -7.99
N ALA C 177 30.41 7.31 -7.13
CA ALA C 177 30.66 8.70 -6.78
C ALA C 177 32.06 8.85 -6.19
N GLY C 178 32.63 10.05 -6.40
CA GLY C 178 33.90 10.44 -5.83
C GLY C 178 33.75 11.69 -4.98
N MET C 179 34.87 12.32 -4.63
CA MET C 179 34.83 13.51 -3.79
C MET C 179 34.03 13.29 -2.51
N GLU C 180 32.89 13.95 -2.39
CA GLU C 180 32.06 13.82 -1.20
C GLU C 180 31.43 12.43 -1.12
N GLY C 181 30.89 11.94 -2.23
CA GLY C 181 30.22 10.65 -2.22
C GLY C 181 28.97 10.57 -1.38
N ALA C 182 28.28 11.69 -1.18
CA ALA C 182 27.05 11.67 -0.40
C ALA C 182 25.93 10.97 -1.15
N LEU C 183 26.06 10.84 -2.48
CA LEU C 183 24.98 10.31 -3.30
C LEU C 183 24.58 8.90 -2.89
N ALA C 184 25.54 8.10 -2.44
CA ALA C 184 25.21 6.74 -2.01
C ALA C 184 24.19 6.77 -0.88
N SER C 185 24.41 7.62 0.13
CA SER C 185 23.49 7.71 1.25
C SER C 185 22.10 8.17 0.80
N VAL C 186 22.06 9.16 -0.10
CA VAL C 186 20.77 9.70 -0.51
C VAL C 186 19.98 8.65 -1.28
N VAL C 187 20.62 7.92 -2.18
CA VAL C 187 19.94 6.88 -2.93
C VAL C 187 19.50 5.76 -1.98
N GLY C 188 20.39 5.34 -1.07
CA GLY C 188 20.05 4.26 -0.16
C GLY C 188 18.83 4.56 0.69
N GLY C 189 18.68 5.79 1.15
CA GLY C 189 17.51 6.13 1.93
C GLY C 189 16.24 6.28 1.14
N LEU C 190 16.35 6.37 -0.20
CA LEU C 190 15.20 6.63 -1.05
C LEU C 190 14.73 5.40 -1.81
N VAL C 191 15.53 4.35 -1.89
CA VAL C 191 15.17 3.14 -2.62
C VAL C 191 15.18 1.96 -1.66
N ASP C 192 14.22 1.06 -1.83
CA ASP C 192 14.16 -0.17 -1.04
C ASP C 192 14.63 -1.37 -1.84
N LYS C 193 15.75 -1.21 -2.54
CA LYS C 193 16.37 -2.25 -3.34
C LYS C 193 17.84 -2.31 -2.94
N PRO C 194 18.50 -3.45 -3.18
CA PRO C 194 19.93 -3.54 -2.83
C PRO C 194 20.73 -2.48 -3.56
N VAL C 195 21.56 -1.76 -2.82
CA VAL C 195 22.42 -0.73 -3.37
C VAL C 195 23.85 -1.17 -3.15
N ILE C 196 24.67 -1.10 -4.20
CA ILE C 196 26.10 -1.36 -4.11
C ILE C 196 26.80 -0.06 -4.46
N ALA C 197 27.58 0.46 -3.50
CA ALA C 197 28.23 1.74 -3.64
C ALA C 197 29.66 1.55 -4.13
N VAL C 198 30.05 2.31 -5.15
CA VAL C 198 31.41 2.26 -5.67
C VAL C 198 32.07 3.62 -5.46
N PRO C 199 33.03 3.72 -4.55
CA PRO C 199 33.80 4.97 -4.46
C PRO C 199 34.83 5.03 -5.58
N THR C 200 34.97 6.21 -6.17
CA THR C 200 35.93 6.43 -7.23
C THR C 200 37.04 7.35 -6.75
N SER C 201 38.16 7.30 -7.46
CA SER C 201 39.35 8.07 -7.07
C SER C 201 39.38 9.43 -7.74
N VAL C 202 38.29 9.87 -8.36
CA VAL C 202 38.25 11.17 -9.00
C VAL C 202 38.29 12.26 -7.94
N GLY C 203 38.97 13.35 -8.26
CA GLY C 203 39.08 14.47 -7.35
C GLY C 203 40.50 14.71 -6.91
N TYR C 204 40.67 15.86 -6.27
CA TYR C 204 41.95 16.36 -5.79
C TYR C 204 41.88 16.60 -4.29
N GLY C 205 43.01 17.02 -3.72
CA GLY C 205 43.00 17.44 -2.33
C GLY C 205 42.66 16.29 -1.40
N THR C 206 41.72 16.57 -0.49
CA THR C 206 41.26 15.68 0.57
C THR C 206 40.35 14.55 0.07
N SER C 207 40.16 14.38 -1.23
CA SER C 207 39.48 13.17 -1.70
C SER C 207 40.34 11.95 -1.47
N PHE C 208 41.67 12.14 -1.49
CA PHE C 208 42.64 11.10 -1.14
C PHE C 208 42.47 9.86 -2.02
N GLN C 209 42.33 10.11 -3.33
CA GLN C 209 42.28 9.07 -4.35
C GLN C 209 41.17 8.05 -4.06
N GLY C 210 40.03 8.54 -3.58
CA GLY C 210 38.88 7.71 -3.33
C GLY C 210 38.68 7.32 -1.88
N MET C 211 39.63 7.64 -1.00
CA MET C 211 39.54 7.22 0.39
C MET C 211 38.36 7.86 1.11
N THR C 212 38.11 9.15 0.86
CA THR C 212 37.01 9.84 1.52
C THR C 212 35.67 9.29 1.05
N ALA C 213 35.51 9.11 -0.26
CA ALA C 213 34.28 8.53 -0.76
C ALA C 213 34.04 7.16 -0.14
N LEU C 214 35.10 6.36 0.01
CA LEU C 214 34.95 5.04 0.59
C LEU C 214 34.48 5.13 2.04
N LEU C 215 35.12 5.98 2.84
CA LEU C 215 34.71 6.11 4.24
C LEU C 215 33.30 6.67 4.35
N THR C 216 32.96 7.63 3.49
CA THR C 216 31.60 8.17 3.51
C THR C 216 30.58 7.07 3.22
N MET C 217 30.85 6.25 2.20
CA MET C 217 29.88 5.24 1.85
C MET C 217 29.78 4.17 2.94
N LEU C 218 30.91 3.78 3.52
CA LEU C 218 30.86 2.80 4.59
C LEU C 218 30.08 3.30 5.80
N ASN C 219 30.10 4.61 6.02
CA ASN C 219 29.48 5.18 7.24
C ASN C 219 28.05 5.61 6.96
N SER C 220 27.43 5.05 5.93
CA SER C 220 26.06 5.48 5.54
C SER C 220 25.02 5.03 6.56
N CYS C 221 24.00 5.86 6.80
CA CYS C 221 22.92 5.53 7.77
C CYS C 221 21.99 4.52 7.11
N ALA C 222 21.62 4.78 5.86
CA ALA C 222 20.81 3.82 5.10
C ALA C 222 21.60 2.52 5.08
N SER C 223 21.15 1.52 5.81
CA SER C 223 22.01 0.32 5.88
C SER C 223 21.68 -0.61 4.72
N GLY C 224 20.76 -0.19 3.83
CA GLY C 224 20.58 -1.04 2.67
C GLY C 224 21.72 -0.92 1.67
N ILE C 225 22.85 -0.39 2.11
CA ILE C 225 23.98 -0.11 1.25
C ILE C 225 25.10 -1.09 1.55
N THR C 226 25.78 -1.55 0.50
CA THR C 226 26.94 -2.40 0.65
C THR C 226 28.01 -1.82 -0.27
N VAL C 227 29.28 -2.00 0.10
CA VAL C 227 30.35 -1.23 -0.53
C VAL C 227 31.40 -2.15 -1.13
N VAL C 228 31.97 -1.71 -2.26
CA VAL C 228 33.10 -2.37 -2.88
C VAL C 228 34.30 -1.41 -2.85
N ASN C 229 35.44 -1.86 -3.33
CA ASN C 229 36.64 -1.04 -3.23
C ASN C 229 36.66 0.06 -4.28
N ILE C 230 37.68 0.92 -4.16
CA ILE C 230 37.76 2.13 -4.97
C ILE C 230 37.92 1.78 -6.43
N ASP C 231 37.13 2.42 -7.28
CA ASP C 231 37.17 2.30 -8.74
C ASP C 231 36.78 0.93 -9.26
N ASN C 232 36.30 0.03 -8.40
CA ASN C 232 36.05 -1.35 -8.81
C ASN C 232 34.62 -1.49 -9.33
N GLY C 233 34.38 -0.87 -10.49
CA GLY C 233 33.09 -1.02 -11.15
C GLY C 233 32.82 -2.44 -11.59
N PHE C 234 33.86 -3.17 -11.99
CA PHE C 234 33.68 -4.58 -12.34
C PHE C 234 33.11 -5.37 -11.17
N GLY C 235 33.75 -5.27 -10.00
CA GLY C 235 33.33 -6.04 -8.84
C GLY C 235 31.90 -5.77 -8.43
N ALA C 236 31.47 -4.51 -8.50
CA ALA C 236 30.09 -4.18 -8.14
C ALA C 236 29.11 -4.80 -9.12
N ALA C 237 29.42 -4.75 -10.41
CA ALA C 237 28.56 -5.37 -11.42
C ALA C 237 28.55 -6.88 -11.29
N TYR C 238 29.66 -7.48 -10.88
CA TYR C 238 29.69 -8.92 -10.63
C TYR C 238 28.71 -9.31 -9.54
N SER C 239 28.74 -8.60 -8.41
CA SER C 239 27.80 -8.89 -7.34
C SER C 239 26.38 -8.55 -7.76
N ALA C 240 26.21 -7.41 -8.45
CA ALA C 240 24.88 -7.03 -8.92
C ALA C 240 24.31 -8.08 -9.86
N SER C 241 25.14 -8.63 -10.73
CA SER C 241 24.69 -9.66 -11.68
C SER C 241 24.12 -10.88 -10.96
N MET C 242 24.81 -11.34 -9.91
CA MET C 242 24.32 -12.48 -9.15
C MET C 242 23.00 -12.16 -8.44
N VAL C 243 22.88 -10.96 -7.88
CA VAL C 243 21.63 -10.58 -7.22
C VAL C 243 20.49 -10.51 -8.22
N ASN C 244 20.74 -9.94 -9.39
CA ASN C 244 19.69 -9.73 -10.37
C ASN C 244 19.16 -11.04 -10.97
N GLN C 245 19.99 -12.09 -11.00
CA GLN C 245 19.65 -13.31 -11.71
C GLN C 245 19.21 -14.44 -10.79
N MET C 246 18.52 -14.13 -9.69
CA MET C 246 18.01 -15.17 -8.81
C MET C 246 16.54 -15.43 -9.09
N ASN D 46 9.00 -1.12 3.34
CA ASN D 46 7.56 -1.24 3.51
C ASN D 46 7.21 -2.48 4.34
N GLY D 47 7.78 -3.62 3.95
CA GLY D 47 7.61 -4.90 4.58
C GLY D 47 8.58 -5.18 5.70
N PHE D 48 9.37 -4.19 6.10
CA PHE D 48 10.48 -4.31 7.03
C PHE D 48 10.04 -4.01 8.46
N PRO D 49 10.55 -4.77 9.41
CA PRO D 49 10.23 -4.50 10.82
C PRO D 49 10.86 -3.19 11.28
N GLU D 50 10.35 -2.66 12.38
CA GLU D 50 10.91 -1.45 12.95
C GLU D 50 12.23 -1.76 13.64
N VAL D 51 13.21 -0.88 13.47
CA VAL D 51 14.55 -1.10 14.01
C VAL D 51 14.91 0.10 14.89
N ILE D 52 15.22 -0.17 16.16
CA ILE D 52 15.69 0.83 17.11
C ILE D 52 17.18 0.65 17.30
N TYR D 53 17.95 1.73 17.17
CA TYR D 53 19.39 1.70 17.44
C TYR D 53 19.59 1.98 18.93
N GLY D 54 19.54 0.92 19.73
CA GLY D 54 19.54 1.04 21.18
C GLY D 54 20.87 1.36 21.83
N ALA D 55 21.83 1.87 21.06
CA ALA D 55 23.14 2.19 21.63
C ALA D 55 23.14 3.56 22.31
N GLY D 56 22.75 4.60 21.58
CA GLY D 56 22.70 5.95 22.11
C GLY D 56 21.45 6.32 22.88
N LYS D 57 20.59 5.37 23.19
CA LYS D 57 19.35 5.64 23.90
C LYS D 57 19.32 4.93 25.24
N THR D 58 18.61 5.55 26.20
CA THR D 58 18.44 4.99 27.53
C THR D 58 17.25 4.04 27.56
N ALA D 59 17.18 3.24 28.62
CA ALA D 59 16.10 2.25 28.74
C ALA D 59 14.73 2.92 28.74
N THR D 60 14.64 4.16 29.20
CA THR D 60 13.35 4.86 29.20
C THR D 60 13.01 5.39 27.81
N GLN D 61 13.98 5.97 27.10
CA GLN D 61 13.72 6.43 25.74
C GLN D 61 13.30 5.29 24.84
N ILE D 62 13.96 4.14 24.96
CA ILE D 62 13.64 3.00 24.11
C ILE D 62 12.24 2.48 24.44
N VAL D 63 11.90 2.41 25.73
CA VAL D 63 10.55 2.00 26.10
C VAL D 63 9.54 3.00 25.58
N GLY D 64 9.92 4.29 25.51
CA GLY D 64 9.05 5.29 24.92
C GLY D 64 8.93 5.13 23.42
N ILE D 65 10.04 4.80 22.75
CA ILE D 65 10.01 4.57 21.32
C ILE D 65 9.22 3.31 20.99
N VAL D 66 9.34 2.28 21.84
CA VAL D 66 8.63 1.04 21.60
C VAL D 66 7.12 1.23 21.78
N GLN D 67 6.73 1.91 22.86
CA GLN D 67 5.31 2.09 23.15
C GLN D 67 4.60 2.90 22.08
N ALA D 68 5.30 3.82 21.42
CA ALA D 68 4.69 4.60 20.35
C ALA D 68 4.44 3.75 19.11
N LEU D 69 5.32 2.80 18.82
CA LEU D 69 5.21 1.96 17.63
C LEU D 69 4.49 0.65 17.88
N SER D 70 3.88 0.46 19.06
CA SER D 70 3.15 -0.78 19.32
C SER D 70 1.79 -0.83 18.63
N GLN D 71 1.51 0.08 17.70
CA GLN D 71 0.30 0.03 16.88
C GLN D 71 0.59 -0.42 15.45
N GLN D 72 1.85 -0.70 15.12
CA GLN D 72 2.21 -1.18 13.79
C GLN D 72 2.29 -2.70 13.74
N LEU D 74 3.96 -5.60 12.82
CA LEU D 74 5.08 -6.50 12.55
C LEU D 74 5.86 -6.74 13.84
N PRO D 75 7.09 -7.26 13.76
CA PRO D 75 7.96 -7.26 14.94
C PRO D 75 8.87 -6.04 14.97
N ILE D 76 9.39 -5.76 16.16
CA ILE D 76 10.32 -4.65 16.37
C ILE D 76 11.65 -5.23 16.86
N LEU D 77 12.74 -4.85 16.19
CA LEU D 77 14.08 -5.29 16.54
C LEU D 77 14.87 -4.12 17.10
N THR D 78 15.61 -4.36 18.18
CA THR D 78 16.44 -3.35 18.82
C THR D 78 17.87 -3.88 18.90
N THR D 79 18.81 -3.19 18.26
CA THR D 79 20.19 -3.63 18.20
C THR D 79 21.07 -2.86 19.18
N ARG D 80 22.20 -3.48 19.53
CA ARG D 80 23.23 -2.89 20.38
C ARG D 80 22.65 -2.39 21.71
N LEU D 81 22.03 -3.30 22.44
CA LEU D 81 21.38 -3.01 23.71
C LEU D 81 22.14 -3.74 24.82
N SER D 82 22.78 -2.98 25.70
CA SER D 82 23.57 -3.57 26.77
C SER D 82 22.67 -4.39 27.70
N ALA D 83 23.30 -5.31 28.42
CA ALA D 83 22.55 -6.17 29.34
C ALA D 83 21.96 -5.38 30.51
N GLU D 84 22.65 -4.33 30.97
CA GLU D 84 22.09 -3.50 32.03
C GLU D 84 20.89 -2.70 31.55
N LYS D 85 20.82 -2.42 30.25
CA LYS D 85 19.69 -1.67 29.70
C LYS D 85 18.47 -2.56 29.47
N PHE D 86 18.68 -3.82 29.08
CA PHE D 86 17.56 -4.74 29.01
C PHE D 86 17.02 -5.08 30.39
N ALA D 87 17.88 -5.06 31.41
CA ALA D 87 17.41 -5.30 32.77
C ALA D 87 16.46 -4.21 33.22
N ALA D 88 16.78 -2.95 32.92
CA ALA D 88 15.91 -1.83 33.27
C ALA D 88 14.64 -1.79 32.44
N LEU D 89 14.62 -2.44 31.28
CA LEU D 89 13.48 -2.42 30.38
C LEU D 89 12.58 -3.64 30.50
N GLN D 90 13.02 -4.68 31.22
CA GLN D 90 12.23 -5.89 31.35
C GLN D 90 11.01 -5.71 32.26
N PRO D 91 11.10 -4.91 33.33
CA PRO D 91 9.86 -4.55 34.06
C PRO D 91 8.84 -3.80 33.22
N ALA D 92 9.26 -3.24 32.07
CA ALA D 92 8.36 -2.47 31.22
C ALA D 92 7.78 -3.30 30.07
N LEU D 93 8.60 -4.10 29.40
CA LEU D 93 8.17 -4.95 28.28
C LEU D 93 8.25 -6.41 28.67
N PRO D 94 7.21 -6.99 29.26
CA PRO D 94 7.30 -8.39 29.72
C PRO D 94 7.27 -9.41 28.60
N THR D 95 6.95 -9.01 27.37
CA THR D 95 6.93 -9.90 26.22
C THR D 95 8.22 -9.86 25.41
N ALA D 96 9.24 -9.15 25.89
CA ALA D 96 10.45 -8.96 25.11
C ALA D 96 11.39 -10.15 25.23
N VAL D 97 12.09 -10.45 24.13
CA VAL D 97 13.08 -11.52 24.07
C VAL D 97 14.46 -10.90 23.86
N TYR D 98 15.42 -11.30 24.71
CA TYR D 98 16.79 -10.81 24.63
C TYR D 98 17.72 -11.92 24.18
N HIS D 99 18.56 -11.61 23.21
CA HIS D 99 19.61 -12.51 22.74
C HIS D 99 20.93 -11.98 23.29
N ALA D 100 21.40 -12.58 24.37
CA ALA D 100 22.52 -12.04 25.13
C ALA D 100 23.75 -11.80 24.27
N THR D 101 24.14 -12.82 23.48
CA THR D 101 25.35 -12.69 22.67
C THR D 101 25.21 -11.61 21.61
N ALA D 102 24.04 -11.51 20.99
CA ALA D 102 23.82 -10.55 19.92
C ALA D 102 23.60 -9.13 20.43
N GLN D 103 23.33 -8.96 21.73
CA GLN D 103 22.92 -7.69 22.31
C GLN D 103 21.75 -7.09 21.53
N CYS D 104 20.77 -7.95 21.24
CA CYS D 104 19.59 -7.57 20.48
C CYS D 104 18.33 -7.95 21.26
N MET D 105 17.23 -7.26 20.94
CA MET D 105 15.95 -7.48 21.58
C MET D 105 14.86 -7.58 20.52
N THR D 106 14.03 -8.61 20.61
CA THR D 106 12.92 -8.82 19.69
C THR D 106 11.61 -8.84 20.48
N VAL D 107 10.61 -8.11 20.00
CA VAL D 107 9.31 -8.03 20.65
C VAL D 107 8.22 -8.52 19.70
N GLY D 108 8.06 -9.84 19.63
CA GLY D 108 7.07 -10.39 18.73
C GLY D 108 7.54 -11.64 18.03
N GLU D 109 6.65 -12.62 17.90
CA GLU D 109 6.99 -13.90 17.28
C GLU D 109 7.68 -13.67 15.94
N GLN D 110 8.86 -14.26 15.80
CA GLN D 110 9.64 -14.09 14.58
C GLN D 110 8.87 -14.68 13.41
N PRO D 111 8.87 -14.02 12.26
CA PRO D 111 8.12 -14.58 11.13
C PRO D 111 8.72 -15.90 10.73
N ALA D 112 7.91 -16.95 10.75
CA ALA D 112 8.36 -18.24 10.28
C ALA D 112 8.81 -18.12 8.84
N PRO D 113 10.00 -18.65 8.51
CA PRO D 113 10.59 -18.55 7.15
C PRO D 113 9.69 -18.12 6.00
N LYS D 114 9.73 -16.83 5.68
CA LYS D 114 8.87 -16.32 4.61
C LYS D 114 9.34 -16.77 3.23
N THR D 115 10.66 -16.78 2.99
CA THR D 115 11.38 -17.04 1.76
C THR D 115 11.78 -18.52 1.70
N PRO D 116 11.74 -19.16 0.53
CA PRO D 116 12.12 -20.58 0.40
C PRO D 116 13.61 -20.89 0.46
N GLY D 117 14.48 -19.88 0.50
CA GLY D 117 15.89 -20.13 0.62
C GLY D 117 16.45 -19.76 2.00
N TYR D 118 17.77 -19.96 2.18
CA TYR D 118 18.33 -19.60 3.48
C TYR D 118 19.59 -18.76 3.33
N ILE D 119 19.88 -17.95 4.36
CA ILE D 119 21.10 -17.15 4.43
C ILE D 119 22.14 -17.85 5.29
N ALA D 120 23.39 -17.89 4.82
CA ALA D 120 24.52 -18.46 5.56
C ALA D 120 25.32 -17.37 6.25
N VAL D 121 25.51 -17.51 7.56
CA VAL D 121 26.33 -16.60 8.38
C VAL D 121 27.61 -17.33 8.76
N VAL D 122 28.74 -16.92 8.17
CA VAL D 122 30.01 -17.63 8.30
C VAL D 122 30.98 -16.77 9.11
N THR D 123 31.62 -17.36 10.12
CA THR D 123 32.55 -16.64 10.97
C THR D 123 33.90 -17.35 11.01
N ALA D 124 34.96 -16.56 11.19
CA ALA D 124 36.31 -17.11 11.22
C ALA D 124 36.69 -17.59 12.62
N GLY D 125 36.23 -16.91 13.67
CA GLY D 125 36.60 -17.28 15.02
C GLY D 125 35.50 -16.97 16.02
N THR D 126 35.64 -17.53 17.22
CA THR D 126 34.63 -17.35 18.25
C THR D 126 34.50 -15.89 18.69
N ALA D 127 35.56 -15.10 18.52
CA ALA D 127 35.49 -13.68 18.86
C ALA D 127 34.52 -12.93 17.97
N ASP D 128 34.21 -13.46 16.79
CA ASP D 128 33.25 -12.84 15.87
C ASP D 128 31.80 -13.16 16.21
N GLN D 129 31.55 -14.03 17.19
CA GLN D 129 30.18 -14.47 17.42
C GLN D 129 29.22 -13.34 17.81
N PRO D 130 29.59 -12.35 18.63
CA PRO D 130 28.65 -11.25 18.90
C PRO D 130 28.16 -10.57 17.63
N VAL D 131 29.07 -10.14 16.76
CA VAL D 131 28.65 -9.49 15.52
C VAL D 131 27.95 -10.48 14.61
N ALA D 132 28.33 -11.75 14.68
CA ALA D 132 27.63 -12.78 13.91
C ALA D 132 26.18 -12.91 14.34
N GLU D 133 25.94 -12.97 15.65
CA GLU D 133 24.58 -13.15 16.14
C GLU D 133 23.73 -11.91 15.91
N GLU D 134 24.34 -10.72 15.91
CA GLU D 134 23.60 -9.54 15.50
C GLU D 134 23.08 -9.70 14.08
N ALA D 135 23.92 -10.23 13.19
CA ALA D 135 23.48 -10.49 11.83
C ALA D 135 22.46 -11.61 11.78
N ALA D 136 22.70 -12.70 12.52
CA ALA D 136 21.83 -13.86 12.44
C ALA D 136 20.44 -13.55 12.99
N VAL D 137 20.37 -12.87 14.14
CA VAL D 137 19.07 -12.54 14.73
C VAL D 137 18.33 -11.53 13.86
N THR D 138 19.07 -10.59 13.25
CA THR D 138 18.45 -9.63 12.35
C THR D 138 17.81 -10.33 11.16
N ALA D 139 18.55 -11.23 10.51
CA ALA D 139 18.03 -11.91 9.33
C ALA D 139 16.81 -12.75 9.67
N GLU D 140 16.81 -13.40 10.84
CA GLU D 140 15.66 -14.21 11.23
C GLU D 140 14.47 -13.35 11.60
N THR D 141 14.72 -12.18 12.23
CA THR D 141 13.62 -11.26 12.56
C THR D 141 12.98 -10.71 11.30
N PHE D 142 13.75 -10.60 10.22
CA PHE D 142 13.26 -10.14 8.93
C PHE D 142 12.61 -11.24 8.11
N GLY D 143 12.55 -12.47 8.63
CA GLY D 143 11.85 -13.55 7.95
C GLY D 143 12.69 -14.41 7.06
N ASN D 144 13.96 -14.61 7.40
CA ASN D 144 14.87 -15.44 6.62
C ASN D 144 15.36 -16.61 7.44
N ARG D 145 15.56 -17.72 6.74
CA ARG D 145 16.16 -18.89 7.39
C ARG D 145 17.66 -18.62 7.43
N VAL D 146 18.34 -18.98 8.51
CA VAL D 146 19.75 -18.73 8.73
C VAL D 146 20.44 -20.04 9.09
N GLU D 147 21.54 -20.34 8.42
CA GLU D 147 22.41 -21.46 8.75
C GLU D 147 23.70 -20.88 9.29
N ARG D 148 23.99 -21.17 10.55
CA ARG D 148 25.19 -20.66 11.21
C ARG D 148 26.36 -21.61 10.93
N VAL D 149 27.42 -21.09 10.35
CA VAL D 149 28.65 -21.85 10.11
C VAL D 149 29.77 -21.08 10.80
N TYR D 150 30.01 -21.40 12.07
CA TYR D 150 30.90 -20.62 12.92
C TYR D 150 32.27 -21.28 13.05
N ASP D 151 33.29 -20.43 13.20
CA ASP D 151 34.65 -20.85 13.55
C ASP D 151 35.24 -21.77 12.48
N VAL D 152 35.31 -21.24 11.25
CA VAL D 152 35.86 -21.98 10.12
C VAL D 152 36.92 -21.13 9.44
N GLY D 153 37.75 -20.47 10.25
CA GLY D 153 38.80 -19.63 9.71
C GLY D 153 39.87 -20.43 8.99
N VAL D 154 40.69 -19.70 8.22
CA VAL D 154 41.67 -20.33 7.35
C VAL D 154 42.87 -20.89 8.10
N ALA D 155 43.00 -20.62 9.40
CA ALA D 155 44.05 -21.27 10.18
C ALA D 155 43.88 -22.78 10.19
N GLY D 156 42.63 -23.23 10.25
CA GLY D 156 42.27 -24.62 10.04
C GLY D 156 41.22 -24.72 8.95
N ILE D 157 41.68 -24.65 7.69
CA ILE D 157 40.77 -24.50 6.57
C ILE D 157 39.94 -25.76 6.32
N HIS D 158 40.34 -26.90 6.88
CA HIS D 158 39.57 -28.13 6.68
C HIS D 158 38.16 -28.03 7.25
N ARG D 159 37.97 -27.27 8.31
CA ARG D 159 36.62 -27.11 8.92
C ARG D 159 35.71 -26.42 7.90
N LEU D 160 36.27 -25.54 7.08
CA LEU D 160 35.47 -24.78 6.12
C LEU D 160 34.97 -25.67 4.99
N PHE D 161 35.82 -26.55 4.46
CA PHE D 161 35.40 -27.42 3.37
C PHE D 161 34.41 -28.47 3.85
N ALA D 162 34.49 -28.85 5.13
CA ALA D 162 33.53 -29.80 5.68
C ALA D 162 32.12 -29.21 5.68
N LYS D 163 32.00 -27.89 5.84
CA LYS D 163 30.72 -27.21 5.83
C LYS D 163 30.52 -26.39 4.56
N LEU D 164 31.31 -26.67 3.52
CA LEU D 164 31.19 -25.92 2.27
C LEU D 164 29.89 -26.22 1.55
N ASP D 165 29.37 -27.44 1.70
CA ASP D 165 28.08 -27.78 1.11
C ASP D 165 26.97 -26.89 1.66
N VAL D 166 27.00 -26.61 2.96
CA VAL D 166 25.99 -25.76 3.57
C VAL D 166 26.10 -24.33 3.03
N ILE D 167 27.33 -23.84 2.87
CA ILE D 167 27.52 -22.46 2.42
C ILE D 167 27.06 -22.30 0.97
N ARG D 168 27.43 -23.23 0.10
CA ARG D 168 27.08 -23.13 -1.32
C ARG D 168 25.58 -23.25 -1.56
N GLY D 169 24.84 -23.90 -0.66
CA GLY D 169 23.40 -24.01 -0.82
C GLY D 169 22.62 -22.77 -0.46
N ALA D 170 23.25 -21.81 0.21
CA ALA D 170 22.58 -20.58 0.59
C ALA D 170 22.35 -19.68 -0.63
N ARG D 171 21.34 -18.82 -0.52
CA ARG D 171 21.11 -17.82 -1.55
C ARG D 171 22.01 -16.60 -1.35
N VAL D 172 22.36 -16.29 -0.11
CA VAL D 172 23.30 -15.23 0.23
C VAL D 172 24.20 -15.74 1.35
N VAL D 173 25.47 -15.34 1.31
CA VAL D 173 26.45 -15.70 2.33
C VAL D 173 26.93 -14.42 3.01
N ILE D 174 26.87 -14.40 4.34
CA ILE D 174 27.47 -13.33 5.13
C ILE D 174 28.73 -13.90 5.78
N VAL D 175 29.89 -13.33 5.43
CA VAL D 175 31.16 -13.76 5.99
C VAL D 175 31.62 -12.73 7.00
N ILE D 176 31.97 -13.19 8.20
CA ILE D 176 32.30 -12.33 9.32
C ILE D 176 33.66 -12.74 9.85
N ALA D 177 34.59 -11.79 9.92
CA ALA D 177 35.95 -12.07 10.33
C ALA D 177 36.62 -10.78 10.75
N GLY D 178 37.56 -10.90 11.68
CA GLY D 178 38.34 -9.76 12.10
C GLY D 178 39.82 -9.97 11.90
N MET D 179 40.63 -9.07 12.47
CA MET D 179 42.08 -9.11 12.31
C MET D 179 42.47 -9.14 10.84
N GLU D 180 42.97 -10.28 10.37
CA GLU D 180 43.38 -10.41 8.98
C GLU D 180 42.20 -10.40 8.02
N GLY D 181 41.05 -10.94 8.42
CA GLY D 181 39.88 -11.01 7.55
C GLY D 181 40.06 -11.76 6.24
N ALA D 182 40.95 -12.76 6.22
CA ALA D 182 41.22 -13.51 5.00
C ALA D 182 40.06 -14.43 4.60
N LEU D 183 39.18 -14.78 5.54
CA LEU D 183 38.14 -15.76 5.25
C LEU D 183 37.21 -15.30 4.14
N ALA D 184 36.96 -14.00 4.03
CA ALA D 184 36.10 -13.49 2.98
C ALA D 184 36.64 -13.85 1.60
N SER D 185 37.95 -13.66 1.40
CA SER D 185 38.55 -13.95 0.10
C SER D 185 38.41 -15.43 -0.27
N VAL D 186 38.64 -16.30 0.71
CA VAL D 186 38.54 -17.74 0.44
C VAL D 186 37.10 -18.12 0.12
N VAL D 187 36.15 -17.64 0.94
CA VAL D 187 34.76 -17.97 0.70
C VAL D 187 34.27 -17.36 -0.61
N GLY D 188 34.61 -16.09 -0.87
CA GLY D 188 34.19 -15.46 -2.10
C GLY D 188 34.68 -16.20 -3.32
N GLY D 189 35.89 -16.73 -3.27
CA GLY D 189 36.42 -17.50 -4.37
C GLY D 189 35.84 -18.89 -4.51
N LEU D 190 35.12 -19.38 -3.49
CA LEU D 190 34.60 -20.74 -3.51
C LEU D 190 33.10 -20.82 -3.73
N VAL D 191 32.35 -19.73 -3.58
CA VAL D 191 30.90 -19.77 -3.77
C VAL D 191 30.53 -18.78 -4.86
N ASP D 192 29.58 -19.18 -5.70
CA ASP D 192 29.06 -18.36 -6.79
C ASP D 192 27.69 -17.77 -6.44
N LYS D 193 27.60 -17.24 -5.23
CA LYS D 193 26.42 -16.60 -4.68
C LYS D 193 26.86 -15.24 -4.14
N PRO D 194 25.93 -14.30 -3.97
CA PRO D 194 26.31 -13.00 -3.39
C PRO D 194 26.89 -13.18 -1.99
N VAL D 195 28.05 -12.55 -1.77
CA VAL D 195 28.73 -12.58 -0.47
C VAL D 195 28.81 -11.15 0.07
N ILE D 196 28.44 -10.99 1.33
CA ILE D 196 28.58 -9.70 2.03
C ILE D 196 29.56 -9.92 3.18
N ALA D 197 30.64 -9.15 3.19
CA ALA D 197 31.69 -9.29 4.19
C ALA D 197 31.49 -8.31 5.33
N VAL D 198 31.58 -8.81 6.56
CA VAL D 198 31.51 -7.96 7.75
C VAL D 198 32.83 -8.06 8.49
N PRO D 199 33.67 -7.02 8.48
CA PRO D 199 34.88 -7.05 9.30
C PRO D 199 34.53 -6.71 10.74
N THR D 200 35.18 -7.41 11.67
CA THR D 200 34.96 -7.16 13.08
C THR D 200 36.18 -6.46 13.68
N SER D 201 35.94 -5.80 14.81
CA SER D 201 36.93 -4.95 15.46
C SER D 201 37.78 -5.67 16.50
N VAL D 202 37.78 -7.00 16.52
CA VAL D 202 38.59 -7.71 17.51
C VAL D 202 40.07 -7.56 17.18
N GLY D 203 40.88 -7.43 18.21
CA GLY D 203 42.32 -7.41 18.09
C GLY D 203 42.92 -6.06 18.47
N TYR D 204 44.23 -6.09 18.67
CA TYR D 204 45.00 -4.91 19.04
C TYR D 204 46.13 -4.75 18.01
N GLY D 205 46.96 -3.74 18.23
CA GLY D 205 48.13 -3.57 17.37
C GLY D 205 47.73 -3.26 15.95
N THR D 206 48.35 -3.95 15.00
CA THR D 206 48.15 -3.67 13.59
C THR D 206 46.81 -4.15 13.06
N SER D 207 45.95 -4.71 13.91
CA SER D 207 44.59 -5.00 13.49
C SER D 207 43.75 -3.73 13.36
N PHE D 208 44.08 -2.71 14.16
CA PHE D 208 43.45 -1.39 14.06
C PHE D 208 41.94 -1.46 14.22
N GLN D 209 41.48 -2.27 15.18
CA GLN D 209 40.06 -2.34 15.54
C GLN D 209 39.19 -2.64 14.33
N GLY D 210 39.67 -3.52 13.45
CA GLY D 210 38.92 -3.96 12.31
C GLY D 210 39.30 -3.32 10.99
N MET D 211 40.18 -2.30 11.03
CA MET D 211 40.53 -1.57 9.81
C MET D 211 41.28 -2.46 8.82
N THR D 212 42.18 -3.31 9.32
CA THR D 212 42.92 -4.21 8.43
C THR D 212 41.99 -5.22 7.78
N ALA D 213 41.11 -5.85 8.58
CA ALA D 213 40.13 -6.78 8.03
C ALA D 213 39.25 -6.09 6.98
N LEU D 214 38.88 -4.83 7.23
CA LEU D 214 38.05 -4.11 6.28
C LEU D 214 38.78 -3.92 4.95
N LEU D 215 40.04 -3.49 5.02
CA LEU D 215 40.83 -3.28 3.80
C LEU D 215 41.05 -4.59 3.08
N THR D 216 41.31 -5.67 3.81
CA THR D 216 41.49 -6.98 3.19
C THR D 216 40.22 -7.41 2.46
N MET D 217 39.06 -7.25 3.11
CA MET D 217 37.82 -7.66 2.47
C MET D 217 37.52 -6.80 1.26
N LEU D 218 37.78 -5.49 1.35
CA LEU D 218 37.54 -4.62 0.22
C LEU D 218 38.39 -5.00 -0.99
N ASN D 219 39.58 -5.55 -0.77
CA ASN D 219 40.45 -5.93 -1.87
C ASN D 219 40.19 -7.33 -2.40
N SER D 220 39.15 -7.99 -1.89
CA SER D 220 38.71 -9.28 -2.41
C SER D 220 37.41 -9.17 -3.19
N CYS D 221 36.94 -7.95 -3.45
CA CYS D 221 35.58 -7.74 -3.94
C CYS D 221 35.35 -8.28 -5.34
N ALA D 222 36.40 -8.45 -6.15
CA ALA D 222 36.16 -8.93 -7.50
C ALA D 222 35.79 -10.41 -7.55
N SER D 223 35.80 -11.12 -6.42
CA SER D 223 35.36 -12.50 -6.39
C SER D 223 33.87 -12.65 -6.14
N GLY D 224 33.13 -11.53 -6.04
CA GLY D 224 31.71 -11.59 -5.77
C GLY D 224 31.40 -11.18 -4.35
N ILE D 225 32.11 -10.16 -3.88
CA ILE D 225 32.06 -9.73 -2.49
C ILE D 225 31.74 -8.25 -2.43
N THR D 226 30.92 -7.87 -1.47
CA THR D 226 30.64 -6.48 -1.14
C THR D 226 30.78 -6.38 0.38
N VAL D 227 31.11 -5.19 0.87
CA VAL D 227 31.57 -5.03 2.24
C VAL D 227 30.69 -4.01 2.96
N VAL D 228 30.53 -4.23 4.26
CA VAL D 228 29.83 -3.29 5.12
C VAL D 228 30.82 -2.73 6.13
N ASN D 229 30.36 -1.75 6.90
CA ASN D 229 31.18 -1.10 7.91
C ASN D 229 31.59 -2.10 9.00
N ILE D 230 32.62 -1.72 9.76
CA ILE D 230 33.15 -2.59 10.80
C ILE D 230 32.07 -2.89 11.84
N ASP D 231 31.94 -4.17 12.21
CA ASP D 231 31.03 -4.69 13.23
C ASP D 231 29.56 -4.54 12.84
N ASN D 232 29.27 -4.11 11.61
CA ASN D 232 27.90 -3.80 11.21
C ASN D 232 27.21 -5.07 10.70
N GLY D 233 27.01 -6.00 11.62
CA GLY D 233 26.29 -7.22 11.28
C GLY D 233 24.83 -6.97 10.91
N PHE D 234 24.21 -5.97 11.54
CA PHE D 234 22.85 -5.60 11.16
C PHE D 234 22.81 -5.16 9.70
N GLY D 235 23.67 -4.21 9.33
CA GLY D 235 23.63 -3.67 7.97
C GLY D 235 23.81 -4.74 6.92
N ALA D 236 24.70 -5.70 7.18
CA ALA D 236 24.89 -6.80 6.24
C ALA D 236 23.65 -7.68 6.18
N ALA D 237 23.04 -7.96 7.35
CA ALA D 237 21.83 -8.77 7.37
C ALA D 237 20.67 -8.06 6.70
N TYR D 238 20.62 -6.73 6.81
CA TYR D 238 19.61 -5.95 6.09
C TYR D 238 19.73 -6.18 4.59
N SER D 239 20.94 -6.01 4.05
CA SER D 239 21.14 -6.21 2.62
C SER D 239 20.94 -7.66 2.23
N ALA D 240 21.43 -8.60 3.05
CA ALA D 240 21.21 -10.01 2.76
C ALA D 240 19.73 -10.34 2.73
N SER D 241 18.96 -9.74 3.65
CA SER D 241 17.51 -9.97 3.68
C SER D 241 16.87 -9.53 2.37
N MET D 242 17.26 -8.36 1.86
CA MET D 242 16.69 -7.86 0.61
C MET D 242 17.01 -8.78 -0.55
N VAL D 243 18.26 -9.28 -0.62
CA VAL D 243 18.62 -10.17 -1.72
C VAL D 243 17.87 -11.48 -1.61
N ASN D 244 17.77 -12.04 -0.40
CA ASN D 244 17.18 -13.37 -0.27
C ASN D 244 15.70 -13.36 -0.58
N GLN D 245 15.02 -12.24 -0.33
CA GLN D 245 13.57 -12.15 -0.43
C GLN D 245 13.11 -11.37 -1.67
N MET D 246 13.84 -11.48 -2.77
CA MET D 246 13.46 -10.79 -3.99
C MET D 246 12.69 -11.72 -4.92
N ALA D 247 11.70 -11.16 -5.60
CA ALA D 247 10.89 -11.95 -6.53
C ALA D 247 11.68 -12.22 -7.81
N SER D 248 11.66 -13.47 -8.25
CA SER D 248 12.40 -13.88 -9.43
C SER D 248 11.49 -13.89 -10.66
N TRP D 249 12.12 -13.80 -11.83
CA TRP D 249 11.43 -13.86 -13.13
C TRP D 249 10.26 -12.90 -13.19
N SER D 250 10.54 -11.64 -13.51
CA SER D 250 9.52 -10.58 -13.50
C SER D 250 8.37 -10.86 -14.46
N LYS E 29 -30.93 30.50 21.90
CA LYS E 29 -29.65 31.19 21.89
C LYS E 29 -29.22 31.51 20.46
N THR E 30 -28.54 30.56 19.83
CA THR E 30 -28.11 30.69 18.44
C THR E 30 -29.10 30.00 17.51
N ALA E 31 -30.35 30.43 17.62
CA ALA E 31 -31.48 29.84 16.90
C ALA E 31 -31.23 29.79 15.40
N LEU E 33 -32.68 29.20 12.31
CA LEU E 33 -34.04 29.19 11.77
C LEU E 33 -35.07 28.92 12.87
N GLY E 34 -36.31 28.69 12.47
CA GLY E 34 -37.35 28.34 13.42
C GLY E 34 -37.41 26.84 13.65
N PHE E 35 -36.85 26.08 12.71
CA PHE E 35 -36.83 24.63 12.84
C PHE E 35 -36.05 24.19 14.07
N ALA E 36 -34.91 24.83 14.34
CA ALA E 36 -34.07 24.51 15.48
C ALA E 36 -33.71 25.78 16.23
N ASN E 37 -33.41 25.62 17.52
CA ASN E 37 -32.99 26.73 18.36
C ASN E 37 -31.56 26.59 18.85
N VAL E 38 -30.86 25.52 18.46
CA VAL E 38 -29.46 25.28 18.81
C VAL E 38 -29.27 25.30 20.32
N ASP E 39 -28.03 25.47 20.76
CA ASP E 39 -27.71 25.53 22.18
C ASP E 39 -26.27 25.95 22.40
N LEU E 40 -25.93 27.21 22.07
CA LEU E 40 -24.60 27.71 22.34
C LEU E 40 -24.32 27.85 23.83
N ASP E 41 -25.35 27.85 24.67
CA ASP E 41 -25.17 27.91 26.11
C ASP E 41 -24.57 26.64 26.68
N ARG E 42 -24.41 25.59 25.87
CA ARG E 42 -23.69 24.41 26.29
C ARG E 42 -22.20 24.72 26.46
N GLN E 43 -21.41 23.69 26.73
CA GLN E 43 -19.97 23.78 26.98
C GLN E 43 -19.66 24.60 28.22
N ARG E 44 -20.46 25.63 28.50
CA ARG E 44 -20.37 26.38 29.75
C ARG E 44 -21.45 25.97 30.75
N ARG E 45 -22.44 25.18 30.33
CA ARG E 45 -23.48 24.67 31.21
C ARG E 45 -23.39 23.15 31.35
N ASN E 46 -23.54 22.41 30.25
CA ASN E 46 -23.33 20.97 30.23
C ASN E 46 -21.86 20.61 29.99
N GLY E 47 -20.97 21.59 29.97
CA GLY E 47 -19.54 21.41 29.77
C GLY E 47 -19.10 20.79 28.46
N PHE E 48 -20.05 20.47 27.59
CA PHE E 48 -19.85 19.77 26.31
C PHE E 48 -20.79 20.34 25.26
N PRO E 49 -20.36 20.42 24.01
CA PRO E 49 -21.19 21.00 22.95
C PRO E 49 -22.44 20.17 22.68
N GLU E 50 -23.35 20.79 21.93
CA GLU E 50 -24.60 20.15 21.56
C GLU E 50 -24.35 19.03 20.55
N VAL E 51 -25.18 17.99 20.65
CA VAL E 51 -25.07 16.77 19.86
C VAL E 51 -26.32 16.68 19.01
N ILE E 52 -26.13 16.45 17.71
CA ILE E 52 -27.24 16.45 16.76
C ILE E 52 -27.77 15.04 16.58
N TYR E 53 -29.08 14.89 16.77
CA TYR E 53 -29.79 13.64 16.52
C TYR E 53 -30.22 13.65 15.05
N GLY E 54 -29.32 13.18 14.19
CA GLY E 54 -29.53 13.32 12.76
C GLY E 54 -30.54 12.36 12.17
N ALA E 55 -31.40 11.78 13.00
CA ALA E 55 -32.42 10.87 12.48
C ALA E 55 -33.63 11.63 11.96
N GLY E 56 -34.24 12.47 12.81
CA GLY E 56 -35.40 13.25 12.42
C GLY E 56 -35.11 14.54 11.69
N LYS E 57 -33.86 14.80 11.32
CA LYS E 57 -33.47 16.03 10.66
C LYS E 57 -32.95 15.73 9.26
N THR E 58 -33.14 16.69 8.36
CA THR E 58 -32.68 16.57 6.99
C THR E 58 -31.23 17.05 6.87
N ALA E 59 -30.60 16.71 5.75
CA ALA E 59 -29.19 17.04 5.54
C ALA E 59 -28.94 18.54 5.59
N THR E 60 -29.92 19.36 5.24
CA THR E 60 -29.73 20.81 5.31
C THR E 60 -29.88 21.31 6.75
N GLN E 61 -30.88 20.80 7.47
CA GLN E 61 -31.05 21.16 8.87
C GLN E 61 -29.81 20.78 9.68
N ILE E 62 -29.25 19.60 9.41
CA ILE E 62 -28.07 19.17 10.14
C ILE E 62 -26.87 20.05 9.81
N VAL E 63 -26.67 20.35 8.52
CA VAL E 63 -25.57 21.23 8.13
C VAL E 63 -25.78 22.65 8.65
N GLY E 64 -27.04 23.07 8.81
CA GLY E 64 -27.29 24.38 9.38
C GLY E 64 -26.93 24.42 10.86
N ILE E 65 -27.20 23.33 11.58
CA ILE E 65 -26.80 23.25 12.99
C ILE E 65 -25.28 23.21 13.11
N VAL E 66 -24.62 22.53 12.18
CA VAL E 66 -23.16 22.41 12.24
C VAL E 66 -22.50 23.75 11.99
N GLN E 67 -22.95 24.48 10.97
CA GLN E 67 -22.36 25.78 10.67
C GLN E 67 -22.59 26.77 11.82
N ALA E 68 -23.71 26.63 12.52
CA ALA E 68 -24.01 27.49 13.66
C ALA E 68 -23.06 27.20 14.82
N LEU E 69 -22.56 25.97 14.91
CA LEU E 69 -21.72 25.51 16.00
C LEU E 69 -20.23 25.77 15.76
N SER E 70 -19.88 26.63 14.79
CA SER E 70 -18.47 26.93 14.56
C SER E 70 -17.93 27.74 15.72
N GLN E 71 -17.76 27.08 16.87
CA GLN E 71 -17.18 27.69 18.06
C GLN E 71 -15.73 27.23 18.18
N GLN E 72 -14.87 27.86 17.36
CA GLN E 72 -13.43 27.63 17.36
C GLN E 72 -13.05 26.16 17.22
N THR E 73 -12.38 25.62 18.23
CA THR E 73 -11.74 24.32 18.17
C THR E 73 -12.60 23.18 18.69
N LEU E 74 -13.77 23.47 19.25
CA LEU E 74 -14.65 22.40 19.71
C LEU E 74 -15.15 21.61 18.51
N PRO E 75 -15.22 20.28 18.63
CA PRO E 75 -15.85 19.47 17.57
C PRO E 75 -17.32 19.21 17.84
N ILE E 76 -18.03 18.90 16.76
CA ILE E 76 -19.47 18.63 16.79
C ILE E 76 -19.71 17.20 16.35
N LEU E 77 -20.46 16.46 17.17
CA LEU E 77 -20.79 15.06 16.90
C LEU E 77 -22.28 14.96 16.58
N THR E 78 -22.60 14.20 15.53
CA THR E 78 -23.98 13.93 15.13
C THR E 78 -24.16 12.42 15.01
N THR E 79 -25.09 11.88 15.78
CA THR E 79 -25.30 10.43 15.86
C THR E 79 -26.47 10.00 14.98
N ARG E 80 -26.52 8.70 14.68
CA ARG E 80 -27.59 8.08 13.91
C ARG E 80 -27.78 8.77 12.56
N LEU E 81 -26.70 8.79 11.78
CA LEU E 81 -26.68 9.43 10.47
C LEU E 81 -26.50 8.34 9.44
N SER E 82 -27.55 8.11 8.64
CA SER E 82 -27.48 7.06 7.63
C SER E 82 -26.41 7.39 6.59
N ALA E 83 -25.95 6.34 5.90
CA ALA E 83 -24.91 6.52 4.89
C ALA E 83 -25.42 7.35 3.71
N GLU E 84 -26.70 7.24 3.37
CA GLU E 84 -27.26 8.08 2.32
C GLU E 84 -27.37 9.53 2.77
N LYS E 85 -27.79 9.75 4.03
CA LYS E 85 -27.90 11.12 4.54
C LYS E 85 -26.53 11.80 4.64
N PHE E 86 -25.46 11.02 4.79
CA PHE E 86 -24.12 11.59 4.80
C PHE E 86 -23.69 12.02 3.40
N ALA E 87 -24.19 11.34 2.36
CA ALA E 87 -23.86 11.75 1.00
C ALA E 87 -24.38 13.15 0.68
N ALA E 88 -25.63 13.45 1.09
CA ALA E 88 -26.19 14.77 0.84
C ALA E 88 -25.56 15.85 1.72
N LEU E 89 -24.93 15.47 2.83
CA LEU E 89 -24.36 16.43 3.76
C LEU E 89 -22.85 16.63 3.60
N GLN E 90 -22.20 15.85 2.75
CA GLN E 90 -20.74 15.88 2.67
C GLN E 90 -20.21 17.07 1.89
N PRO E 91 -20.74 17.40 0.71
CA PRO E 91 -20.22 18.58 -0.01
C PRO E 91 -20.40 19.89 0.75
N ALA E 92 -21.26 19.93 1.76
CA ALA E 92 -21.42 21.15 2.56
C ALA E 92 -20.38 21.22 3.67
N LEU E 93 -20.13 20.10 4.36
CA LEU E 93 -19.12 20.00 5.41
C LEU E 93 -18.03 19.07 4.91
N PRO E 94 -17.04 19.57 4.15
CA PRO E 94 -16.04 18.69 3.54
C PRO E 94 -14.96 18.20 4.49
N THR E 95 -14.89 18.74 5.71
CA THR E 95 -13.90 18.30 6.69
C THR E 95 -14.43 17.21 7.61
N ALA E 96 -15.62 16.68 7.33
CA ALA E 96 -16.26 15.71 8.19
C ALA E 96 -15.74 14.30 7.91
N VAL E 97 -15.67 13.51 8.97
CA VAL E 97 -15.25 12.11 8.91
C VAL E 97 -16.44 11.25 9.25
N TYR E 98 -16.72 10.25 8.41
CA TYR E 98 -17.84 9.34 8.63
C TYR E 98 -17.31 7.97 9.04
N HIS E 99 -17.89 7.42 10.10
CA HIS E 99 -17.60 6.07 10.55
C HIS E 99 -18.83 5.21 10.22
N ALA E 100 -18.71 4.44 9.13
CA ALA E 100 -19.85 3.72 8.58
C ALA E 100 -20.51 2.83 9.62
N THR E 101 -19.71 2.03 10.33
CA THR E 101 -20.28 1.10 11.31
C THR E 101 -20.97 1.85 12.44
N ALA E 102 -20.38 2.96 12.90
CA ALA E 102 -20.97 3.73 13.99
C ALA E 102 -22.11 4.64 13.54
N GLN E 103 -22.23 4.89 12.24
CA GLN E 103 -23.17 5.87 11.68
C GLN E 103 -23.06 7.21 12.39
N CYS E 104 -21.82 7.65 12.60
CA CYS E 104 -21.53 8.91 13.29
C CYS E 104 -20.64 9.78 12.42
N MET E 105 -20.71 11.08 12.66
CA MET E 105 -19.93 12.07 11.91
C MET E 105 -19.28 13.06 12.86
N THR E 106 -18.00 13.31 12.66
CA THR E 106 -17.22 14.24 13.45
C THR E 106 -16.63 15.33 12.55
N VAL E 107 -16.70 16.58 13.02
CA VAL E 107 -16.19 17.71 12.25
C VAL E 107 -15.07 18.40 13.02
N GLY E 108 -13.87 17.81 12.99
CA GLY E 108 -12.73 18.38 13.67
C GLY E 108 -11.88 17.35 14.39
N GLU E 109 -10.57 17.47 14.25
CA GLU E 109 -9.63 16.53 14.87
C GLU E 109 -9.91 16.41 16.36
N GLN E 110 -10.08 15.16 16.81
CA GLN E 110 -10.39 14.91 18.21
C GLN E 110 -9.22 15.36 19.09
N PRO E 111 -9.50 15.98 20.23
CA PRO E 111 -8.41 16.43 21.11
C PRO E 111 -7.61 15.25 21.62
N ALA E 112 -6.30 15.45 21.73
CA ALA E 112 -5.42 14.41 22.25
C ALA E 112 -5.89 13.97 23.64
N PRO E 113 -6.13 12.66 23.83
CA PRO E 113 -6.67 12.18 25.12
C PRO E 113 -5.78 12.52 26.30
N LYS E 114 -5.92 13.73 26.84
CA LYS E 114 -5.17 14.11 28.02
C LYS E 114 -5.60 13.34 29.26
N THR E 115 -6.71 12.61 29.20
CA THR E 115 -7.10 11.80 30.34
C THR E 115 -6.07 10.70 30.55
N PRO E 116 -5.61 10.47 31.78
CA PRO E 116 -4.60 9.43 32.00
C PRO E 116 -5.17 8.01 31.96
N GLY E 117 -6.49 7.86 31.96
CA GLY E 117 -7.13 6.56 31.89
C GLY E 117 -7.71 6.26 30.52
N TYR E 118 -8.33 5.08 30.45
CA TYR E 118 -9.00 4.63 29.24
C TYR E 118 -10.33 4.02 29.61
N ILE E 119 -11.28 4.09 28.68
CA ILE E 119 -12.60 3.49 28.83
C ILE E 119 -12.61 2.16 28.10
N ALA E 120 -13.13 1.12 28.74
CA ALA E 120 -13.26 -0.19 28.10
C ALA E 120 -14.67 -0.32 27.53
N VAL E 121 -14.75 -0.62 26.25
CA VAL E 121 -16.03 -0.90 25.59
C VAL E 121 -16.07 -2.40 25.35
N VAL E 122 -16.89 -3.10 26.14
CA VAL E 122 -16.91 -4.55 26.15
C VAL E 122 -18.20 -5.02 25.49
N THR E 123 -18.05 -5.93 24.54
CA THR E 123 -19.17 -6.39 23.72
C THR E 123 -19.30 -7.91 23.82
N ALA E 124 -20.55 -8.39 23.73
CA ALA E 124 -20.83 -9.81 23.85
C ALA E 124 -20.68 -10.55 22.53
N GLY E 125 -21.03 -9.93 21.41
CA GLY E 125 -20.93 -10.58 20.12
C GLY E 125 -20.66 -9.59 19.01
N THR E 126 -20.29 -10.14 17.84
CA THR E 126 -19.95 -9.28 16.71
C THR E 126 -21.15 -8.45 16.25
N ALA E 127 -22.37 -8.95 16.48
CA ALA E 127 -23.56 -8.21 16.11
C ALA E 127 -23.71 -6.90 16.89
N ASP E 128 -23.05 -6.77 18.03
CA ASP E 128 -23.12 -5.55 18.82
C ASP E 128 -22.22 -4.45 18.28
N GLN E 129 -21.42 -4.73 17.26
CA GLN E 129 -20.41 -3.77 16.81
C GLN E 129 -20.97 -2.42 16.36
N PRO E 130 -22.11 -2.33 15.65
CA PRO E 130 -22.61 -0.98 15.30
C PRO E 130 -22.82 -0.08 16.50
N VAL E 131 -23.56 -0.56 17.50
CA VAL E 131 -23.76 0.27 18.70
C VAL E 131 -22.47 0.36 19.51
N ALA E 132 -21.62 -0.67 19.45
CA ALA E 132 -20.32 -0.59 20.12
C ALA E 132 -19.44 0.50 19.53
N GLU E 133 -19.37 0.57 18.19
CA GLU E 133 -18.53 1.60 17.58
C GLU E 133 -19.10 3.00 17.78
N GLU E 134 -20.44 3.12 17.87
CA GLU E 134 -21.02 4.40 18.22
C GLU E 134 -20.52 4.91 19.57
N ALA E 135 -20.43 4.01 20.56
CA ALA E 135 -19.87 4.40 21.86
C ALA E 135 -18.38 4.71 21.76
N ALA E 136 -17.63 3.91 21.00
CA ALA E 136 -16.19 4.14 20.89
C ALA E 136 -15.88 5.45 20.18
N VAL E 137 -16.61 5.75 19.10
CA VAL E 137 -16.38 7.01 18.37
C VAL E 137 -16.78 8.20 19.23
N THR E 138 -17.86 8.05 20.01
CA THR E 138 -18.26 9.13 20.92
C THR E 138 -17.20 9.36 21.99
N ALA E 139 -16.74 8.29 22.63
CA ALA E 139 -15.77 8.43 23.72
C ALA E 139 -14.45 9.00 23.22
N GLU E 140 -14.03 8.62 22.01
CA GLU E 140 -12.78 9.14 21.47
C GLU E 140 -12.90 10.61 21.07
N THR E 141 -14.08 11.00 20.59
CA THR E 141 -14.31 12.41 20.26
C THR E 141 -14.29 13.28 21.51
N PHE E 142 -14.67 12.74 22.65
CA PHE E 142 -14.68 13.48 23.91
C PHE E 142 -13.32 13.50 24.60
N GLY E 143 -12.30 12.88 24.01
CA GLY E 143 -10.96 12.95 24.56
C GLY E 143 -10.59 11.83 25.50
N ASN E 144 -11.12 10.63 25.29
CA ASN E 144 -10.83 9.48 26.14
C ASN E 144 -10.13 8.39 25.32
N ARG E 145 -9.14 7.76 25.91
CA ARG E 145 -8.56 6.54 25.34
C ARG E 145 -9.57 5.41 25.47
N VAL E 146 -9.68 4.59 24.43
CA VAL E 146 -10.68 3.52 24.36
C VAL E 146 -9.99 2.21 24.02
N GLU E 147 -10.26 1.18 24.82
CA GLU E 147 -9.81 -0.18 24.54
C GLU E 147 -11.04 -1.04 24.22
N ARG E 148 -11.08 -1.58 23.00
CA ARG E 148 -12.19 -2.39 22.55
C ARG E 148 -11.96 -3.84 22.98
N VAL E 149 -12.92 -4.40 23.69
CA VAL E 149 -12.89 -5.81 24.09
C VAL E 149 -14.16 -6.43 23.52
N TYR E 150 -14.09 -6.90 22.28
CA TYR E 150 -15.25 -7.33 21.52
C TYR E 150 -15.39 -8.85 21.51
N ASP E 151 -16.64 -9.31 21.47
CA ASP E 151 -16.99 -10.71 21.25
C ASP E 151 -16.50 -11.62 22.38
N VAL E 152 -16.97 -11.32 23.60
CA VAL E 152 -16.60 -12.08 24.78
C VAL E 152 -17.84 -12.51 25.56
N GLY E 153 -18.88 -12.98 24.84
CA GLY E 153 -20.11 -13.37 25.50
C GLY E 153 -19.96 -14.59 26.38
N VAL E 154 -20.94 -14.78 27.26
CA VAL E 154 -20.87 -15.81 28.29
C VAL E 154 -21.08 -17.22 27.73
N ALA E 155 -21.44 -17.36 26.46
CA ALA E 155 -21.48 -18.69 25.85
C ALA E 155 -20.10 -19.34 25.91
N GLY E 156 -19.05 -18.54 25.72
CA GLY E 156 -17.69 -18.96 25.96
C GLY E 156 -16.97 -18.03 26.91
N ILE E 157 -17.16 -18.20 28.22
CA ILE E 157 -16.65 -17.22 29.18
C ILE E 157 -15.13 -17.21 29.23
N HIS E 158 -14.47 -18.23 28.66
CA HIS E 158 -13.01 -18.23 28.64
C HIS E 158 -12.47 -17.02 27.88
N ARG E 159 -13.19 -16.55 26.87
CA ARG E 159 -12.80 -15.34 26.16
C ARG E 159 -12.84 -14.12 27.07
N LEU E 160 -13.76 -14.10 28.03
CA LEU E 160 -13.88 -12.95 28.93
C LEU E 160 -12.73 -12.90 29.93
N PHE E 161 -12.42 -14.05 30.53
CA PHE E 161 -11.36 -14.07 31.54
C PHE E 161 -9.99 -13.84 30.91
N ALA E 162 -9.80 -14.21 29.64
CA ALA E 162 -8.55 -13.94 28.96
C ALA E 162 -8.31 -12.44 28.82
N LYS E 163 -9.37 -11.66 28.69
CA LYS E 163 -9.28 -10.20 28.57
C LYS E 163 -9.73 -9.49 29.85
N LEU E 164 -9.82 -10.22 30.97
CA LEU E 164 -10.28 -9.60 32.21
C LEU E 164 -9.28 -8.58 32.73
N ASP E 165 -7.98 -8.81 32.51
CA ASP E 165 -6.97 -7.84 32.93
C ASP E 165 -7.18 -6.49 32.25
N VAL E 166 -7.50 -6.50 30.96
CA VAL E 166 -7.73 -5.25 30.23
C VAL E 166 -8.99 -4.56 30.74
N ILE E 167 -10.06 -5.33 31.00
CA ILE E 167 -11.33 -4.74 31.42
C ILE E 167 -11.20 -4.12 32.81
N ARG E 168 -10.58 -4.84 33.75
CA ARG E 168 -10.45 -4.34 35.10
C ARG E 168 -9.50 -3.14 35.18
N GLY E 169 -8.57 -3.00 34.24
CA GLY E 169 -7.68 -1.85 34.24
C GLY E 169 -8.27 -0.55 33.76
N ALA E 170 -9.45 -0.60 33.13
CA ALA E 170 -10.11 0.61 32.67
C ALA E 170 -10.67 1.40 33.84
N ARG E 171 -10.89 2.70 33.63
CA ARG E 171 -11.53 3.50 34.68
C ARG E 171 -13.04 3.36 34.65
N VAL E 172 -13.63 3.17 33.47
CA VAL E 172 -15.07 2.91 33.31
C VAL E 172 -15.22 1.81 32.27
N VAL E 173 -16.19 0.91 32.49
CA VAL E 173 -16.45 -0.19 31.57
C VAL E 173 -17.85 -0.03 30.99
N ILE E 174 -17.94 -0.06 29.67
CA ILE E 174 -19.21 -0.07 28.96
C ILE E 174 -19.45 -1.49 28.46
N VAL E 175 -20.52 -2.12 28.95
CA VAL E 175 -20.88 -3.48 28.55
C VAL E 175 -22.05 -3.40 27.59
N ILE E 176 -21.87 -4.01 26.42
CA ILE E 176 -22.82 -3.93 25.32
C ILE E 176 -23.18 -5.34 24.90
N ALA E 177 -24.47 -5.65 24.89
CA ALA E 177 -24.93 -7.01 24.65
C ALA E 177 -26.38 -6.99 24.21
N GLY E 178 -26.76 -7.98 23.41
CA GLY E 178 -28.14 -8.14 22.99
C GLY E 178 -28.70 -9.48 23.40
N MET E 179 -29.87 -9.82 22.87
CA MET E 179 -30.55 -11.07 23.23
C MET E 179 -30.72 -11.16 24.74
N GLU E 180 -30.00 -12.09 25.39
CA GLU E 180 -30.14 -12.23 26.83
C GLU E 180 -29.54 -11.05 27.57
N GLY E 181 -28.37 -10.58 27.15
CA GLY E 181 -27.70 -9.49 27.86
C GLY E 181 -27.13 -9.89 29.20
N ALA E 182 -26.79 -11.17 29.38
CA ALA E 182 -26.26 -11.65 30.64
C ALA E 182 -24.86 -11.12 30.92
N LEU E 183 -24.13 -10.69 29.88
CA LEU E 183 -22.75 -10.28 30.05
C LEU E 183 -22.61 -9.12 31.03
N ALA E 184 -23.60 -8.22 31.06
CA ALA E 184 -23.55 -7.10 31.99
C ALA E 184 -23.49 -7.59 33.43
N SER E 185 -24.36 -8.55 33.79
CA SER E 185 -24.37 -9.07 35.15
C SER E 185 -23.06 -9.76 35.49
N VAL E 186 -22.50 -10.52 34.55
CA VAL E 186 -21.26 -11.23 34.81
C VAL E 186 -20.11 -10.25 35.00
N VAL E 187 -20.03 -9.23 34.14
CA VAL E 187 -18.96 -8.24 34.25
C VAL E 187 -19.12 -7.42 35.53
N GLY E 188 -20.35 -7.02 35.86
CA GLY E 188 -20.55 -6.22 37.05
C GLY E 188 -20.08 -6.90 38.32
N GLY E 189 -20.26 -8.22 38.41
CA GLY E 189 -19.80 -8.97 39.56
C GLY E 189 -18.32 -9.21 39.62
N LEU E 190 -17.61 -8.96 38.51
CA LEU E 190 -16.18 -9.23 38.41
C LEU E 190 -15.31 -7.98 38.44
N VAL E 191 -15.88 -6.79 38.25
CA VAL E 191 -15.12 -5.55 38.23
C VAL E 191 -15.68 -4.62 39.32
N ASP E 192 -14.78 -3.92 40.00
CA ASP E 192 -15.14 -2.94 41.02
C ASP E 192 -15.03 -1.51 40.50
N LYS E 193 -15.48 -1.28 39.28
CA LYS E 193 -15.47 0.04 38.66
C LYS E 193 -16.83 0.29 38.01
N PRO E 194 -17.17 1.56 37.78
CA PRO E 194 -18.50 1.86 37.20
C PRO E 194 -18.70 1.16 35.88
N VAL E 195 -19.84 0.47 35.78
CA VAL E 195 -20.22 -0.24 34.57
C VAL E 195 -21.52 0.38 34.05
N ILE E 196 -21.53 0.68 32.75
CA ILE E 196 -22.72 1.20 32.08
C ILE E 196 -23.14 0.15 31.06
N ALA E 197 -24.36 -0.36 31.20
CA ALA E 197 -24.84 -1.44 30.34
C ALA E 197 -25.64 -0.87 29.18
N VAL E 198 -25.33 -1.32 27.98
CA VAL E 198 -26.08 -0.92 26.79
C VAL E 198 -26.75 -2.16 26.19
N PRO E 199 -28.06 -2.28 26.30
CA PRO E 199 -28.74 -3.37 25.59
C PRO E 199 -28.88 -3.03 24.12
N THR E 200 -28.68 -4.03 23.27
CA THR E 200 -28.82 -3.86 21.84
C THR E 200 -30.04 -4.61 21.33
N SER E 201 -30.49 -4.22 20.13
CA SER E 201 -31.71 -4.76 19.54
C SER E 201 -31.43 -5.95 18.63
N VAL E 202 -30.23 -6.53 18.68
CA VAL E 202 -29.93 -7.70 17.86
C VAL E 202 -30.71 -8.89 18.39
N GLY E 203 -31.13 -9.76 17.49
CA GLY E 203 -31.84 -10.97 17.85
C GLY E 203 -33.27 -10.96 17.34
N TYR E 204 -33.89 -12.13 17.46
CA TYR E 204 -35.24 -12.39 17.00
C TYR E 204 -36.10 -12.89 18.15
N GLY E 205 -37.37 -13.18 17.84
CA GLY E 205 -38.24 -13.81 18.81
C GLY E 205 -38.50 -12.93 20.01
N THR E 206 -38.38 -13.54 21.19
CA THR E 206 -38.68 -12.88 22.46
C THR E 206 -37.60 -11.91 22.92
N SER E 207 -36.57 -11.65 22.10
CA SER E 207 -35.63 -10.60 22.44
C SER E 207 -36.28 -9.23 22.34
N PHE E 208 -37.29 -9.09 21.47
CA PHE E 208 -38.14 -7.90 21.39
C PHE E 208 -37.32 -6.64 21.13
N GLN E 209 -36.40 -6.73 20.18
CA GLN E 209 -35.59 -5.58 19.76
C GLN E 209 -34.88 -4.94 20.94
N GLY E 210 -34.39 -5.78 21.86
CA GLY E 210 -33.62 -5.31 22.98
C GLY E 210 -34.35 -5.24 24.30
N MET E 211 -35.67 -5.44 24.32
CA MET E 211 -36.41 -5.30 25.57
C MET E 211 -35.99 -6.35 26.58
N THR E 212 -35.74 -7.58 26.13
CA THR E 212 -35.31 -8.63 27.04
C THR E 212 -33.92 -8.32 27.60
N ALA E 213 -32.99 -7.93 26.73
CA ALA E 213 -31.65 -7.57 27.19
C ALA E 213 -31.70 -6.43 28.19
N LEU E 214 -32.57 -5.45 27.96
CA LEU E 214 -32.67 -4.33 28.90
C LEU E 214 -33.17 -4.79 30.25
N LEU E 215 -34.23 -5.61 30.27
CA LEU E 215 -34.81 -6.06 31.54
C LEU E 215 -33.82 -6.91 32.32
N THR E 216 -33.04 -7.74 31.61
CA THR E 216 -32.01 -8.52 32.28
C THR E 216 -30.98 -7.61 32.96
N MET E 217 -30.55 -6.56 32.24
CA MET E 217 -29.52 -5.67 32.78
C MET E 217 -30.05 -4.86 33.96
N LEU E 218 -31.29 -4.37 33.86
CA LEU E 218 -31.88 -3.62 34.97
C LEU E 218 -32.08 -4.49 36.21
N ASN E 219 -32.36 -5.79 36.02
CA ASN E 219 -32.56 -6.71 37.14
C ASN E 219 -31.27 -7.35 37.59
N SER E 220 -30.15 -6.66 37.44
CA SER E 220 -28.85 -7.22 37.81
C SER E 220 -28.75 -7.31 39.33
N CYS E 221 -28.80 -8.53 39.86
CA CYS E 221 -28.49 -8.72 41.27
C CYS E 221 -27.04 -8.33 41.57
N ALA E 222 -26.17 -8.45 40.56
CA ALA E 222 -24.82 -7.88 40.66
C ALA E 222 -24.91 -6.37 40.64
N SER E 223 -24.26 -5.73 41.60
CA SER E 223 -24.37 -4.29 41.78
C SER E 223 -23.21 -3.56 41.11
N GLY E 224 -23.30 -2.23 41.14
CA GLY E 224 -22.36 -1.41 40.40
C GLY E 224 -22.65 -1.28 38.92
N ILE E 225 -23.83 -1.72 38.48
CA ILE E 225 -24.22 -1.62 37.07
C ILE E 225 -25.26 -0.52 36.92
N THR E 226 -25.13 0.24 35.85
CA THR E 226 -26.09 1.26 35.50
C THR E 226 -26.39 1.11 34.02
N VAL E 227 -27.62 1.46 33.63
CA VAL E 227 -28.15 1.06 32.32
C VAL E 227 -28.60 2.29 31.55
N VAL E 228 -28.45 2.23 30.23
CA VAL E 228 -28.98 3.24 29.33
C VAL E 228 -30.02 2.62 28.41
N ASN E 229 -30.55 3.42 27.48
CA ASN E 229 -31.59 2.99 26.56
C ASN E 229 -31.06 1.94 25.57
N ILE E 230 -31.99 1.23 24.92
CA ILE E 230 -31.61 0.21 23.97
C ILE E 230 -30.85 0.84 22.81
N ASP E 231 -29.71 0.24 22.46
CA ASP E 231 -28.84 0.68 21.36
C ASP E 231 -28.21 2.04 21.61
N ASN E 232 -28.36 2.60 22.80
CA ASN E 232 -27.91 3.97 23.06
C ASN E 232 -26.45 3.96 23.49
N GLY E 233 -25.59 3.58 22.54
CA GLY E 233 -24.16 3.61 22.79
C GLY E 233 -23.65 5.02 23.03
N PHE E 234 -24.25 6.02 22.37
CA PHE E 234 -23.89 7.40 22.63
C PHE E 234 -24.13 7.78 24.09
N GLY E 235 -25.35 7.54 24.59
CA GLY E 235 -25.67 7.94 25.95
C GLY E 235 -24.72 7.35 26.99
N ALA E 236 -24.31 6.10 26.78
CA ALA E 236 -23.37 5.48 27.70
C ALA E 236 -22.01 6.15 27.66
N ALA E 237 -21.53 6.48 26.45
CA ALA E 237 -20.24 7.13 26.33
C ALA E 237 -20.24 8.55 26.89
N TYR E 238 -21.37 9.26 26.77
CA TYR E 238 -21.48 10.58 27.39
C TYR E 238 -21.25 10.48 28.89
N SER E 239 -21.96 9.57 29.55
CA SER E 239 -21.78 9.41 30.99
C SER E 239 -20.38 8.91 31.32
N ALA E 240 -19.88 7.94 30.54
CA ALA E 240 -18.53 7.42 30.78
C ALA E 240 -17.48 8.52 30.63
N SER E 241 -17.64 9.38 29.61
CA SER E 241 -16.70 10.48 29.43
C SER E 241 -16.70 11.42 30.63
N MET E 242 -17.90 11.77 31.12
CA MET E 242 -17.99 12.64 32.28
C MET E 242 -17.37 11.99 33.51
N VAL E 243 -17.62 10.70 33.72
CA VAL E 243 -17.05 9.99 34.86
C VAL E 243 -15.54 9.95 34.75
N ASN E 244 -15.02 9.70 33.54
CA ASN E 244 -13.59 9.52 33.36
C ASN E 244 -12.82 10.84 33.55
N GLN E 245 -13.46 11.99 33.31
CA GLN E 245 -12.80 13.29 33.35
C GLN E 245 -13.18 14.10 34.59
N MET E 246 -13.40 13.44 35.72
CA MET E 246 -13.73 14.14 36.95
C MET E 246 -12.51 14.31 37.86
N ARG F 44 -11.27 -10.22 47.41
CA ARG F 44 -11.11 -9.00 46.62
C ARG F 44 -11.32 -7.77 47.48
N ARG F 45 -10.21 -7.15 47.90
CA ARG F 45 -10.27 -5.94 48.71
C ARG F 45 -10.85 -4.80 47.88
N ASN F 46 -12.07 -4.38 48.23
CA ASN F 46 -12.75 -3.31 47.53
C ASN F 46 -12.80 -2.01 48.31
N GLY F 47 -12.67 -2.05 49.63
CA GLY F 47 -12.74 -0.86 50.45
C GLY F 47 -14.16 -0.41 50.74
N PHE F 48 -15.16 -1.16 50.30
CA PHE F 48 -16.58 -0.90 50.42
C PHE F 48 -17.15 -1.66 51.59
N PRO F 49 -18.08 -1.08 52.33
CA PRO F 49 -18.67 -1.80 53.47
C PRO F 49 -19.49 -3.00 53.00
N GLU F 50 -19.74 -3.91 53.94
CA GLU F 50 -20.56 -5.06 53.66
C GLU F 50 -22.03 -4.66 53.59
N VAL F 51 -22.77 -5.25 52.66
CA VAL F 51 -24.16 -4.89 52.42
C VAL F 51 -25.01 -6.14 52.59
N ILE F 52 -25.98 -6.08 53.50
CA ILE F 52 -26.94 -7.15 53.73
C ILE F 52 -28.28 -6.71 53.14
N TYR F 53 -28.87 -7.59 52.34
CA TYR F 53 -30.23 -7.37 51.81
C TYR F 53 -31.20 -7.94 52.82
N GLY F 54 -31.58 -7.10 53.79
CA GLY F 54 -32.37 -7.53 54.93
C GLY F 54 -33.84 -7.75 54.64
N ALA F 55 -34.19 -7.93 53.37
CA ALA F 55 -35.60 -8.16 53.01
C ALA F 55 -35.96 -9.63 53.20
N GLY F 56 -35.20 -10.53 52.59
CA GLY F 56 -35.42 -11.96 52.69
C GLY F 56 -34.83 -12.64 53.91
N LYS F 57 -34.36 -11.88 54.90
CA LYS F 57 -33.72 -12.44 56.09
C LYS F 57 -34.55 -12.11 57.32
N THR F 58 -34.47 -13.00 58.31
CA THR F 58 -35.19 -12.82 59.57
C THR F 58 -34.37 -11.99 60.56
N ALA F 59 -35.06 -11.48 61.58
CA ALA F 59 -34.41 -10.64 62.57
C ALA F 59 -33.27 -11.38 63.26
N THR F 60 -33.36 -12.71 63.35
CA THR F 60 -32.31 -13.49 63.98
C THR F 60 -31.11 -13.67 63.06
N GLN F 61 -31.36 -13.94 61.77
CA GLN F 61 -30.27 -14.11 60.82
C GLN F 61 -29.39 -12.86 60.69
N ILE F 62 -30.02 -11.69 60.65
CA ILE F 62 -29.26 -10.45 60.43
C ILE F 62 -28.35 -10.13 61.61
N VAL F 63 -28.85 -10.29 62.84
CA VAL F 63 -28.02 -9.99 64.01
C VAL F 63 -26.82 -10.95 64.07
N GLY F 64 -26.99 -12.18 63.60
CA GLY F 64 -25.87 -13.10 63.55
C GLY F 64 -24.82 -12.74 62.53
N ILE F 65 -25.26 -12.27 61.35
CA ILE F 65 -24.32 -11.85 60.31
C ILE F 65 -23.57 -10.60 60.72
N VAL F 66 -24.23 -9.68 61.43
CA VAL F 66 -23.59 -8.43 61.83
C VAL F 66 -22.47 -8.69 62.83
N GLN F 67 -22.71 -9.56 63.81
CA GLN F 67 -21.71 -9.82 64.84
C GLN F 67 -20.43 -10.39 64.24
N ALA F 68 -20.53 -11.10 63.11
CA ALA F 68 -19.35 -11.62 62.45
C ALA F 68 -18.50 -10.51 61.83
N LEU F 69 -19.13 -9.44 61.35
CA LEU F 69 -18.41 -8.33 60.75
C LEU F 69 -18.05 -7.24 61.75
N SER F 70 -18.36 -7.42 63.03
CA SER F 70 -17.95 -6.46 64.05
C SER F 70 -16.49 -6.63 64.44
N GLN F 71 -15.76 -7.45 63.67
CA GLN F 71 -14.32 -7.61 63.79
C GLN F 71 -13.60 -6.84 62.69
N GLN F 72 -14.06 -7.00 61.44
CA GLN F 72 -13.54 -6.23 60.33
C GLN F 72 -13.70 -4.74 60.62
N THR F 73 -12.82 -3.94 60.02
CA THR F 73 -12.80 -2.49 60.27
C THR F 73 -13.59 -1.73 59.21
N LEU F 74 -14.84 -2.15 58.95
CA LEU F 74 -15.70 -1.45 58.01
C LEU F 74 -17.06 -1.16 58.65
N PRO F 75 -17.96 -0.49 57.94
CA PRO F 75 -19.34 -0.37 58.42
C PRO F 75 -20.21 -1.49 57.85
N ILE F 76 -21.34 -1.71 58.51
CA ILE F 76 -22.30 -2.71 58.07
C ILE F 76 -23.57 -2.00 57.68
N LEU F 77 -24.00 -2.20 56.44
CA LEU F 77 -25.22 -1.60 55.90
C LEU F 77 -26.23 -2.71 55.66
N THR F 78 -27.46 -2.50 56.14
CA THR F 78 -28.55 -3.43 55.94
C THR F 78 -29.69 -2.66 55.28
N THR F 79 -30.08 -3.08 54.09
CA THR F 79 -31.11 -2.37 53.34
C THR F 79 -32.45 -3.07 53.48
N ARG F 80 -33.52 -2.29 53.30
CA ARG F 80 -34.89 -2.80 53.30
C ARG F 80 -35.18 -3.61 54.56
N LEU F 81 -35.03 -2.94 55.70
CA LEU F 81 -35.17 -3.54 57.02
C LEU F 81 -36.42 -2.98 57.67
N SER F 82 -37.41 -3.84 57.89
CA SER F 82 -38.68 -3.42 58.48
C SER F 82 -38.48 -2.94 59.91
N ALA F 83 -39.42 -2.12 60.37
CA ALA F 83 -39.37 -1.64 61.74
C ALA F 83 -39.58 -2.76 62.75
N GLU F 84 -40.39 -3.76 62.40
CA GLU F 84 -40.59 -4.90 63.28
C GLU F 84 -39.33 -5.75 63.40
N LYS F 85 -38.46 -5.74 62.39
CA LYS F 85 -37.23 -6.52 62.46
C LYS F 85 -36.15 -5.80 63.25
N PHE F 86 -36.07 -4.47 63.12
CA PHE F 86 -35.12 -3.70 63.90
C PHE F 86 -35.45 -3.75 65.39
N ALA F 87 -36.72 -3.94 65.74
CA ALA F 87 -37.11 -4.04 67.14
C ALA F 87 -36.43 -5.22 67.83
N ALA F 88 -36.35 -6.37 67.14
CA ALA F 88 -35.71 -7.53 67.74
C ALA F 88 -34.21 -7.35 67.89
N LEU F 89 -33.61 -6.40 67.17
CA LEU F 89 -32.17 -6.18 67.23
C LEU F 89 -31.80 -5.05 68.18
N ALA F 92 -30.45 -5.78 71.08
CA ALA F 92 -29.50 -6.83 70.72
C ALA F 92 -28.22 -6.23 70.15
N LEU F 93 -28.37 -5.25 69.27
CA LEU F 93 -27.26 -4.54 68.66
C LEU F 93 -27.28 -3.10 69.16
N PRO F 94 -26.64 -2.81 70.30
CA PRO F 94 -26.76 -1.46 70.89
C PRO F 94 -25.98 -0.39 70.15
N THR F 95 -25.15 -0.80 69.18
CA THR F 95 -24.29 0.15 68.42
C THR F 95 -24.96 0.54 67.11
N VAL F 97 -27.55 1.85 64.11
CA VAL F 97 -28.39 3.08 63.96
C VAL F 97 -29.47 2.79 62.90
N TYR F 98 -30.73 3.16 63.17
CA TYR F 98 -31.81 2.90 62.23
C TYR F 98 -32.38 4.20 61.67
N HIS F 99 -32.53 4.24 60.35
CA HIS F 99 -33.18 5.35 59.64
C HIS F 99 -34.56 4.86 59.21
N ALA F 100 -35.59 5.27 59.94
CA ALA F 100 -36.93 4.73 59.74
C ALA F 100 -37.39 4.88 58.30
N THR F 101 -37.24 6.09 57.74
CA THR F 101 -37.71 6.34 56.38
C THR F 101 -36.94 5.51 55.35
N ALA F 102 -35.62 5.39 55.52
CA ALA F 102 -34.81 4.67 54.55
C ALA F 102 -34.89 3.15 54.71
N GLN F 103 -35.40 2.67 55.84
CA GLN F 103 -35.36 1.24 56.18
C GLN F 103 -33.94 0.67 56.06
N CYS F 104 -32.97 1.40 56.61
CA CYS F 104 -31.57 1.01 56.58
C CYS F 104 -30.98 1.05 57.99
N MET F 105 -29.91 0.27 58.19
CA MET F 105 -29.23 0.18 59.48
C MET F 105 -27.73 0.32 59.27
N THR F 106 -27.12 1.25 60.03
CA THR F 106 -25.69 1.56 59.96
C THR F 106 -25.04 1.36 61.31
N VAL F 107 -23.80 0.84 61.31
CA VAL F 107 -23.05 0.60 62.53
C VAL F 107 -21.77 1.43 62.61
N GLY F 108 -21.62 2.45 61.76
CA GLY F 108 -20.44 3.29 61.82
C GLY F 108 -20.22 4.16 60.60
N GLU F 109 -20.74 5.38 60.64
CA GLU F 109 -20.64 6.30 59.50
C GLU F 109 -19.20 6.51 59.06
N GLN F 110 -18.94 6.26 57.78
CA GLN F 110 -17.62 6.44 57.22
C GLN F 110 -17.23 7.92 57.24
N PRO F 111 -15.97 8.25 57.55
CA PRO F 111 -15.58 9.66 57.63
C PRO F 111 -15.66 10.39 56.30
N ALA F 112 -16.64 11.30 56.19
CA ALA F 112 -16.81 12.16 55.03
C ALA F 112 -15.61 13.05 54.77
N THR F 115 -14.20 10.75 50.03
CA THR F 115 -14.79 11.74 49.14
C THR F 115 -14.26 13.14 49.42
N PRO F 116 -14.03 13.93 48.38
CA PRO F 116 -13.60 15.32 48.58
C PRO F 116 -14.70 16.26 48.10
N GLY F 117 -15.65 15.66 47.37
CA GLY F 117 -16.83 16.32 46.89
C GLY F 117 -18.05 15.89 47.68
N TYR F 118 -19.22 16.30 47.19
CA TYR F 118 -20.49 15.90 47.78
C TYR F 118 -21.42 15.40 46.68
N ILE F 119 -22.28 14.46 47.04
CA ILE F 119 -23.29 13.91 46.13
C ILE F 119 -24.64 14.55 46.40
N ALA F 120 -25.34 14.93 45.34
CA ALA F 120 -26.68 15.49 45.43
C ALA F 120 -27.73 14.42 45.18
N VAL F 121 -28.66 14.27 46.12
CA VAL F 121 -29.79 13.37 45.98
C VAL F 121 -31.04 14.23 45.75
N VAL F 122 -31.54 14.20 44.52
CA VAL F 122 -32.63 15.08 44.08
C VAL F 122 -33.90 14.27 43.87
N THR F 123 -35.01 14.75 44.44
CA THR F 123 -36.29 14.06 44.37
C THR F 123 -37.35 14.98 43.80
N ALA F 124 -38.32 14.38 43.13
CA ALA F 124 -39.40 15.16 42.52
C ALA F 124 -40.50 15.46 43.53
N GLY F 125 -40.79 14.53 44.44
CA GLY F 125 -41.84 14.74 45.42
C GLY F 125 -41.56 14.00 46.70
N THR F 126 -42.34 14.34 47.74
CA THR F 126 -42.17 13.74 49.06
C THR F 126 -42.42 12.24 49.03
N ALA F 127 -43.20 11.74 48.07
CA ALA F 127 -43.42 10.31 47.96
C ALA F 127 -42.13 9.56 47.62
N ASP F 128 -41.14 10.24 47.06
CA ASP F 128 -39.85 9.63 46.76
C ASP F 128 -38.91 9.57 47.95
N GLN F 129 -39.29 10.15 49.10
CA GLN F 129 -38.36 10.26 50.22
C GLN F 129 -37.84 8.92 50.73
N PRO F 130 -38.64 7.85 50.83
CA PRO F 130 -38.05 6.56 51.25
C PRO F 130 -36.90 6.09 50.36
N VAL F 131 -37.11 6.06 49.04
CA VAL F 131 -36.05 5.64 48.13
C VAL F 131 -34.91 6.64 48.11
N ALA F 132 -35.23 7.93 48.33
CA ALA F 132 -34.21 8.95 48.44
C ALA F 132 -33.29 8.71 49.63
N GLU F 133 -33.88 8.45 50.81
CA GLU F 133 -33.06 8.27 52.01
C GLU F 133 -32.26 6.98 51.94
N GLU F 134 -32.79 5.95 51.25
CA GLU F 134 -31.98 4.76 51.01
C GLU F 134 -30.72 5.10 50.22
N ALA F 135 -30.86 5.95 49.19
CA ALA F 135 -29.68 6.37 48.44
C ALA F 135 -28.76 7.24 49.29
N ALA F 136 -29.33 8.15 50.08
CA ALA F 136 -28.51 9.04 50.89
C ALA F 136 -27.77 8.30 52.00
N VAL F 137 -28.45 7.37 52.69
CA VAL F 137 -27.81 6.64 53.77
C VAL F 137 -26.73 5.70 53.21
N THR F 138 -26.98 5.11 52.05
CA THR F 138 -25.96 4.27 51.41
C THR F 138 -24.72 5.08 51.05
N ALA F 139 -24.92 6.24 50.42
CA ALA F 139 -23.79 7.05 49.97
C ALA F 139 -22.96 7.55 51.15
N GLU F 140 -23.62 7.88 52.26
CA GLU F 140 -22.88 8.34 53.44
C GLU F 140 -22.16 7.19 54.12
N THR F 141 -22.77 6.00 54.13
CA THR F 141 -22.10 4.83 54.69
C THR F 141 -20.88 4.44 53.86
N PHE F 142 -20.91 4.72 52.56
CA PHE F 142 -19.76 4.46 51.69
C PHE F 142 -18.73 5.58 51.72
N GLY F 143 -18.93 6.59 52.53
CA GLY F 143 -17.96 7.64 52.73
C GLY F 143 -18.10 8.88 51.86
N ASN F 144 -19.34 9.27 51.53
CA ASN F 144 -19.59 10.44 50.69
C ASN F 144 -20.39 11.47 51.46
N ARG F 145 -20.03 12.74 51.30
CA ARG F 145 -20.91 13.81 51.75
C ARG F 145 -22.12 13.88 50.84
N VAL F 146 -23.30 14.08 51.44
CA VAL F 146 -24.56 14.07 50.69
C VAL F 146 -25.34 15.34 51.00
N GLU F 147 -25.79 16.02 49.95
CA GLU F 147 -26.69 17.17 50.06
C GLU F 147 -28.05 16.77 49.50
N ARG F 148 -29.06 16.81 50.36
CA ARG F 148 -30.42 16.42 50.00
C ARG F 148 -31.17 17.62 49.41
N VAL F 149 -31.70 17.45 48.20
CA VAL F 149 -32.53 18.45 47.53
C VAL F 149 -33.86 17.79 47.25
N TYR F 150 -34.78 17.86 48.20
CA TYR F 150 -36.01 17.09 48.14
C TYR F 150 -37.18 17.94 47.66
N ASP F 151 -38.11 17.29 46.96
CA ASP F 151 -39.39 17.88 46.56
C ASP F 151 -39.20 19.09 45.66
N VAL F 152 -38.55 18.85 44.51
CA VAL F 152 -38.29 19.91 43.54
C VAL F 152 -38.77 19.47 42.15
N GLY F 153 -39.95 18.86 42.09
CA GLY F 153 -40.48 18.42 40.82
C GLY F 153 -40.81 19.57 39.90
N VAL F 154 -40.99 19.25 38.62
CA VAL F 154 -41.19 20.27 37.59
C VAL F 154 -42.57 20.90 37.64
N ALA F 155 -43.49 20.38 38.46
CA ALA F 155 -44.77 21.05 38.66
C ALA F 155 -44.56 22.44 39.27
N GLY F 156 -43.58 22.57 40.17
CA GLY F 156 -43.15 23.86 40.65
C GLY F 156 -41.67 24.01 40.40
N ILE F 157 -41.31 24.36 39.16
CA ILE F 157 -39.92 24.35 38.75
C ILE F 157 -39.12 25.43 39.44
N HIS F 158 -39.78 26.44 40.02
CA HIS F 158 -39.06 27.45 40.78
C HIS F 158 -38.35 26.84 41.99
N ARG F 159 -38.86 25.76 42.55
CA ARG F 159 -38.15 25.17 43.66
C ARG F 159 -36.88 24.55 43.19
N LEU F 160 -36.82 24.06 41.97
CA LEU F 160 -35.61 23.44 41.46
C LEU F 160 -34.50 24.46 41.24
N PHE F 161 -34.82 25.60 40.63
CA PHE F 161 -33.81 26.59 40.31
C PHE F 161 -33.23 27.24 41.56
N ALA F 162 -34.00 27.28 42.65
CA ALA F 162 -33.47 27.81 43.90
C ALA F 162 -32.32 26.97 44.43
N LYS F 163 -32.32 25.67 44.15
CA LYS F 163 -31.25 24.77 44.60
C LYS F 163 -30.34 24.31 43.47
N LEU F 164 -30.37 24.98 42.31
CA LEU F 164 -29.52 24.55 41.20
C LEU F 164 -28.04 24.76 41.49
N ASP F 165 -27.70 25.79 42.28
CA ASP F 165 -26.30 26.00 42.65
C ASP F 165 -25.75 24.80 43.41
N VAL F 166 -26.57 24.23 44.30
CA VAL F 166 -26.16 23.03 45.04
C VAL F 166 -26.02 21.84 44.10
N ILE F 167 -26.97 21.68 43.18
CA ILE F 167 -26.94 20.53 42.27
C ILE F 167 -25.76 20.63 41.32
N ARG F 168 -25.56 21.80 40.70
CA ARG F 168 -24.46 21.94 39.75
C ARG F 168 -23.10 21.86 40.44
N GLY F 169 -23.04 22.20 41.73
CA GLY F 169 -21.80 22.09 42.47
C GLY F 169 -21.44 20.68 42.90
N ALA F 170 -22.39 19.76 42.81
CA ALA F 170 -22.13 18.37 43.18
C ALA F 170 -21.25 17.69 42.13
N ARG F 171 -20.57 16.63 42.56
CA ARG F 171 -19.78 15.84 41.62
C ARG F 171 -20.63 14.81 40.89
N VAL F 172 -21.65 14.25 41.55
CA VAL F 172 -22.61 13.34 40.92
C VAL F 172 -23.99 13.70 41.45
N VAL F 173 -24.99 13.62 40.58
CA VAL F 173 -26.38 13.90 40.94
C VAL F 173 -27.19 12.63 40.76
N ILE F 174 -27.91 12.25 41.80
CA ILE F 174 -28.87 11.15 41.73
C ILE F 174 -30.26 11.77 41.69
N VAL F 175 -30.99 11.51 40.61
CA VAL F 175 -32.34 12.02 40.42
C VAL F 175 -33.33 10.90 40.67
N ILE F 176 -34.29 11.15 41.54
CA ILE F 176 -35.25 10.15 41.99
C ILE F 176 -36.63 10.69 41.74
N ALA F 177 -37.46 9.96 41.00
CA ALA F 177 -38.77 10.47 40.63
C ALA F 177 -39.66 9.30 40.22
N GLY F 178 -40.95 9.46 40.45
CA GLY F 178 -41.93 8.49 39.99
C GLY F 178 -42.95 9.15 39.09
N MET F 179 -44.02 8.41 38.78
CA MET F 179 -45.08 8.91 37.92
C MET F 179 -44.53 9.46 36.61
N GLU F 180 -44.65 10.79 36.41
CA GLU F 180 -44.18 11.42 35.19
C GLU F 180 -42.66 11.46 35.06
N GLY F 181 -41.91 11.01 36.06
CA GLY F 181 -40.46 11.02 36.09
C GLY F 181 -39.70 12.02 35.22
N ALA F 182 -40.31 13.18 34.95
CA ALA F 182 -39.70 14.17 34.06
C ALA F 182 -38.47 14.84 34.67
N LEU F 183 -38.32 14.81 35.99
CA LEU F 183 -37.26 15.59 36.63
C LEU F 183 -35.87 15.16 36.16
N ALA F 184 -35.69 13.88 35.81
CA ALA F 184 -34.38 13.41 35.35
C ALA F 184 -33.91 14.17 34.11
N SER F 185 -34.79 14.31 33.11
CA SER F 185 -34.39 15.04 31.90
C SER F 185 -34.08 16.51 32.21
N VAL F 186 -34.87 17.14 33.06
CA VAL F 186 -34.66 18.55 33.37
C VAL F 186 -33.34 18.75 34.12
N VAL F 187 -33.05 17.90 35.10
CA VAL F 187 -31.81 18.01 35.85
C VAL F 187 -30.62 17.72 34.95
N GLY F 188 -30.73 16.68 34.11
CA GLY F 188 -29.63 16.32 33.22
C GLY F 188 -29.24 17.45 32.27
N GLY F 189 -30.22 18.24 31.83
CA GLY F 189 -29.96 19.36 30.94
C GLY F 189 -29.33 20.57 31.60
N LEU F 190 -29.31 20.61 32.93
CA LEU F 190 -28.81 21.78 33.65
C LEU F 190 -27.44 21.58 34.29
N VAL F 191 -26.96 20.35 34.40
CA VAL F 191 -25.71 20.05 35.09
C VAL F 191 -24.74 19.36 34.15
N ASP F 192 -23.45 19.67 34.33
CA ASP F 192 -22.37 19.05 33.56
C ASP F 192 -21.67 17.95 34.35
N LYS F 193 -22.43 17.14 35.08
CA LYS F 193 -21.89 16.05 35.87
C LYS F 193 -22.71 14.79 35.63
N PRO F 194 -22.15 13.62 35.93
CA PRO F 194 -22.90 12.36 35.75
C PRO F 194 -24.18 12.37 36.58
N VAL F 195 -25.29 11.98 35.93
CA VAL F 195 -26.59 11.87 36.58
C VAL F 195 -27.02 10.41 36.54
N ILE F 196 -27.47 9.88 37.68
CA ILE F 196 -28.04 8.55 37.77
C ILE F 196 -29.50 8.69 38.18
N ALA F 197 -30.41 8.22 37.34
CA ALA F 197 -31.85 8.37 37.57
C ALA F 197 -32.42 7.12 38.23
N VAL F 198 -33.21 7.33 39.28
CA VAL F 198 -33.87 6.24 40.00
C VAL F 198 -35.37 6.37 39.84
N PRO F 199 -36.03 5.50 39.08
CA PRO F 199 -37.49 5.52 39.04
C PRO F 199 -38.06 4.87 40.29
N THR F 200 -39.12 5.48 40.81
CA THR F 200 -39.80 4.96 41.99
C THR F 200 -41.18 4.41 41.60
N SER F 201 -41.70 3.56 42.47
CA SER F 201 -42.96 2.88 42.24
C SER F 201 -44.15 3.64 42.80
N VAL F 202 -43.98 4.91 43.17
CA VAL F 202 -45.09 5.66 43.73
C VAL F 202 -46.12 5.92 42.64
N GLY F 203 -47.39 5.77 43.01
CA GLY F 203 -48.50 6.05 42.12
C GLY F 203 -49.24 4.80 41.72
N TYR F 204 -50.43 5.02 41.17
CA TYR F 204 -51.33 3.98 40.72
C TYR F 204 -51.67 4.21 39.24
N GLY F 205 -52.53 3.35 38.70
CA GLY F 205 -53.02 3.55 37.34
C GLY F 205 -51.93 3.40 36.30
N THR F 206 -51.85 4.36 35.38
CA THR F 206 -50.92 4.26 34.26
C THR F 206 -49.47 4.54 34.65
N SER F 207 -49.18 4.78 35.94
CA SER F 207 -47.78 4.85 36.37
C SER F 207 -47.14 3.47 36.37
N PHE F 208 -47.94 2.41 36.56
CA PHE F 208 -47.47 1.03 36.50
C PHE F 208 -46.36 0.75 37.50
N GLN F 209 -46.53 1.25 38.73
CA GLN F 209 -45.61 0.98 39.83
C GLN F 209 -44.18 1.35 39.45
N GLY F 210 -44.03 2.45 38.73
CA GLY F 210 -42.73 2.96 38.38
C GLY F 210 -42.26 2.66 36.96
N MET F 211 -42.99 1.84 36.22
CA MET F 211 -42.54 1.46 34.89
C MET F 211 -42.50 2.65 33.94
N THR F 212 -43.49 3.54 34.04
CA THR F 212 -43.51 4.73 33.19
C THR F 212 -42.34 5.65 33.51
N ALA F 213 -42.10 5.89 34.81
CA ALA F 213 -40.95 6.70 35.20
C ALA F 213 -39.65 6.09 34.68
N LEU F 214 -39.56 4.76 34.72
CA LEU F 214 -38.37 4.09 34.21
C LEU F 214 -38.22 4.32 32.71
N LEU F 215 -39.30 4.16 31.95
CA LEU F 215 -39.21 4.38 30.52
C LEU F 215 -38.87 5.82 30.19
N THR F 216 -39.47 6.78 30.92
CA THR F 216 -39.15 8.18 30.70
C THR F 216 -37.67 8.46 30.96
N MET F 217 -37.14 7.94 32.06
CA MET F 217 -35.75 8.21 32.40
C MET F 217 -34.79 7.54 31.41
N LEU F 218 -35.11 6.32 30.97
CA LEU F 218 -34.26 5.65 29.99
C LEU F 218 -34.19 6.45 28.70
N ASN F 219 -35.22 7.22 28.39
CA ASN F 219 -35.19 8.08 27.22
C ASN F 219 -34.54 9.41 27.63
N SER F 220 -33.26 9.29 27.99
CA SER F 220 -32.42 10.42 28.33
C SER F 220 -32.58 11.54 27.31
N CYS F 221 -33.49 12.48 27.58
CA CYS F 221 -33.65 13.65 26.73
C CYS F 221 -32.33 14.39 26.65
N ALA F 222 -31.89 14.96 27.77
CA ALA F 222 -30.53 15.45 27.91
C ALA F 222 -29.65 14.27 28.31
N SER F 223 -28.86 13.78 27.37
CA SER F 223 -28.06 12.59 27.60
C SER F 223 -27.06 12.80 28.74
N GLY F 224 -26.40 11.73 29.14
CA GLY F 224 -25.70 11.68 30.39
C GLY F 224 -26.56 11.22 31.54
N ILE F 225 -27.85 11.00 31.32
CA ILE F 225 -28.70 10.33 32.29
C ILE F 225 -28.40 8.85 32.22
N THR F 226 -28.32 8.20 33.38
CA THR F 226 -28.19 6.76 33.42
C THR F 226 -29.14 6.22 34.47
N VAL F 227 -29.65 5.02 34.26
CA VAL F 227 -30.81 4.55 34.99
C VAL F 227 -30.53 3.23 35.69
N VAL F 228 -31.15 3.06 36.86
CA VAL F 228 -31.13 1.78 37.57
C VAL F 228 -32.56 1.27 37.65
N ASN F 229 -32.74 0.14 38.32
CA ASN F 229 -34.05 -0.49 38.47
C ASN F 229 -34.95 0.35 39.36
N ILE F 230 -36.24 0.01 39.37
CA ILE F 230 -37.23 0.77 40.12
C ILE F 230 -36.94 0.64 41.61
N ASP F 231 -37.00 1.76 42.32
CA ASP F 231 -36.83 1.87 43.77
C ASP F 231 -35.42 1.52 44.25
N ASN F 232 -34.47 1.32 43.34
CA ASN F 232 -33.13 0.84 43.70
C ASN F 232 -32.23 2.03 44.05
N GLY F 233 -32.57 2.70 45.14
CA GLY F 233 -31.74 3.81 45.60
C GLY F 233 -30.36 3.38 46.01
N PHE F 234 -30.22 2.18 46.58
CA PHE F 234 -28.90 1.65 46.92
C PHE F 234 -28.03 1.52 45.67
N GLY F 235 -28.54 0.84 44.64
CA GLY F 235 -27.75 0.60 43.44
C GLY F 235 -27.25 1.87 42.79
N ALA F 236 -28.07 2.93 42.79
CA ALA F 236 -27.60 4.20 42.26
C ALA F 236 -26.52 4.80 43.15
N ALA F 237 -26.71 4.73 44.47
CA ALA F 237 -25.72 5.27 45.39
C ALA F 237 -24.42 4.48 45.32
N TYR F 238 -24.50 3.18 45.05
CA TYR F 238 -23.29 2.37 44.84
C TYR F 238 -22.48 2.91 43.68
N SER F 239 -23.11 3.10 42.52
CA SER F 239 -22.40 3.61 41.36
C SER F 239 -21.95 5.04 41.57
N ALA F 240 -22.81 5.87 42.17
CA ALA F 240 -22.45 7.27 42.43
C ALA F 240 -21.22 7.37 43.32
N SER F 241 -21.12 6.49 44.33
CA SER F 241 -19.96 6.52 45.22
C SER F 241 -18.66 6.28 44.46
N MET F 242 -18.64 5.31 43.54
CA MET F 242 -17.45 5.05 42.77
C MET F 242 -17.06 6.26 41.92
N VAL F 243 -18.05 6.92 41.31
CA VAL F 243 -17.76 8.12 40.54
C VAL F 243 -17.25 9.24 41.45
N ASN F 244 -17.86 9.40 42.62
CA ASN F 244 -17.50 10.49 43.52
C ASN F 244 -16.11 10.33 44.11
N GLN F 245 -15.64 9.10 44.23
CA GLN F 245 -14.39 8.79 44.93
C GLN F 245 -13.25 8.50 43.97
N MET F 246 -13.24 9.15 42.81
CA MET F 246 -12.16 8.98 41.83
C MET F 246 -11.17 10.12 41.91
#